data_1DLT
#
_entry.id   1DLT
#
_cell.length_a   52.800
_cell.length_b   87.500
_cell.length_c   84.400
_cell.angle_alpha   90.00
_cell.angle_beta   96.30
_cell.angle_gamma   90.00
#
_symmetry.space_group_name_H-M   'P 1 21 1'
#
loop_
_entity.id
_entity.type
_entity.pdbx_description
1 polymer 'CATECHOL 1,2-DIOXYGENASE'
2 non-polymer 'FE (III) ION'
3 non-polymer CATECHOL
4 non-polymer '[1-PENTADECANOYL-2-DECANOYL-GLYCEROL-3-YL]PHOSPHONYL CHOLINE'
5 water water
#
_entity_poly.entity_id   1
_entity_poly.type   'polypeptide(L)'
_entity_poly.pdbx_seq_one_letter_code
;MEVKIFNTQDVQDFLRVASGLEQEGGNPRVKQIIHRVLSDLYKAIEDLNITSDEYWAGVAYLNQLGANQEAGLLSPGLGF
DHYLDMRMDAEDAALGIENATPRTIEGPLYVAGAPESVGYARMDDGSDPNGHTLILHGTIFDADGKPLPNAKVEIWHANT
KGFYSHFDPTGEQQAFNMRRSIITDENGQYRVRTILPAGYGCPPEGPTQQLLNQLGRHGNRPAHIHYFVSADGHRKLTTQ
INVAGDPYTYDDFAYATREGLVVDAVEHTDPEAIKANDVEGPFAEMVFDLKLTRLVDGVDNQVVDRPRLAV
;
_entity_poly.pdbx_strand_id   A,B
#
loop_
_chem_comp.id
_chem_comp.type
_chem_comp.name
_chem_comp.formula
CAQ non-polymer CATECHOL 'C6 H6 O2'
FE non-polymer 'FE (III) ION' 'Fe 3'
LIO non-polymer '[1-PENTADECANOYL-2-DECANOYL-GLYCEROL-3-YL]PHOSPHONYL CHOLINE' 'C33 H67 N O8 P 1'
#
# COMPACT_ATOMS: atom_id res chain seq x y z
N VAL A 3 -14.10 23.62 -2.26
CA VAL A 3 -13.63 23.62 -0.82
C VAL A 3 -12.12 23.85 -0.74
N LYS A 4 -11.73 24.86 0.03
CA LYS A 4 -10.31 25.18 0.16
C LYS A 4 -9.98 25.39 1.61
N ILE A 5 -9.43 24.37 2.26
CA ILE A 5 -9.09 24.46 3.66
C ILE A 5 -7.67 23.99 3.91
N PHE A 6 -7.01 23.53 2.87
CA PHE A 6 -5.64 23.04 3.05
C PHE A 6 -4.70 24.08 3.65
N ASN A 7 -4.84 25.32 3.20
CA ASN A 7 -3.95 26.35 3.70
C ASN A 7 -4.30 26.96 5.06
N THR A 8 -5.43 26.59 5.63
CA THR A 8 -5.77 27.14 6.93
C THR A 8 -4.83 26.62 8.03
N GLN A 9 -4.79 27.35 9.14
CA GLN A 9 -3.98 26.95 10.28
C GLN A 9 -4.44 25.61 10.85
N ASP A 10 -5.75 25.38 10.88
CA ASP A 10 -6.28 24.13 11.42
C ASP A 10 -5.72 22.89 10.70
N VAL A 11 -5.69 22.92 9.36
CA VAL A 11 -5.15 21.79 8.61
C VAL A 11 -3.62 21.73 8.74
N GLN A 12 -2.97 22.89 8.67
CA GLN A 12 -1.51 22.94 8.79
C GLN A 12 -1.01 22.45 10.17
N ASP A 13 -1.71 22.83 11.23
CA ASP A 13 -1.31 22.37 12.55
C ASP A 13 -1.61 20.88 12.69
N PHE A 14 -2.77 20.48 12.18
CA PHE A 14 -3.18 19.08 12.20
C PHE A 14 -2.09 18.19 11.54
N LEU A 15 -1.59 18.62 10.40
CA LEU A 15 -0.54 17.85 9.70
C LEU A 15 0.69 17.68 10.58
N ARG A 16 0.99 18.69 11.39
CA ARG A 16 2.16 18.55 12.23
C ARG A 16 1.89 17.54 13.34
N VAL A 17 0.68 17.58 13.89
CA VAL A 17 0.32 16.64 14.94
C VAL A 17 0.31 15.20 14.44
N ALA A 18 -0.39 14.99 13.32
CA ALA A 18 -0.47 13.66 12.73
C ALA A 18 0.89 13.08 12.43
N SER A 19 1.85 13.93 12.01
CA SER A 19 3.20 13.48 11.67
C SER A 19 4.09 13.29 12.91
N GLY A 20 3.54 13.58 14.10
CA GLY A 20 4.31 13.43 15.33
C GLY A 20 5.40 14.48 15.50
N LEU A 21 5.37 15.54 14.69
CA LEU A 21 6.40 16.56 14.78
C LEU A 21 6.42 17.20 16.17
N GLU A 22 5.35 17.00 16.93
CA GLU A 22 5.26 17.56 18.27
C GLU A 22 5.76 16.54 19.29
N GLN A 23 5.56 15.25 19.02
CA GLN A 23 5.99 14.18 19.89
C GLN A 23 7.50 14.18 20.09
N GLU A 24 7.93 13.70 21.24
CA GLU A 24 9.35 13.69 21.50
C GLU A 24 9.99 12.37 21.10
N GLY A 25 9.25 11.29 21.19
CA GLY A 25 9.80 9.99 20.82
C GLY A 25 9.74 9.84 19.31
N GLY A 26 10.16 8.69 18.81
CA GLY A 26 10.14 8.46 17.39
C GLY A 26 11.42 8.76 16.59
N ASN A 27 11.34 8.54 15.28
CA ASN A 27 12.45 8.75 14.36
C ASN A 27 12.21 10.03 13.57
N PRO A 28 13.02 11.06 13.82
CA PRO A 28 12.87 12.34 13.12
C PRO A 28 12.89 12.25 11.60
N ARG A 29 13.71 11.34 11.06
CA ARG A 29 13.80 11.14 9.62
C ARG A 29 12.46 10.62 9.10
N VAL A 30 11.87 9.68 9.80
CA VAL A 30 10.58 9.17 9.37
C VAL A 30 9.52 10.28 9.47
N LYS A 31 9.55 11.06 10.56
CA LYS A 31 8.56 12.12 10.72
C LYS A 31 8.69 13.16 9.61
N GLN A 32 9.92 13.44 9.21
CA GLN A 32 10.20 14.41 8.16
C GLN A 32 9.57 13.95 6.85
N ILE A 33 9.77 12.69 6.50
CA ILE A 33 9.21 12.15 5.27
C ILE A 33 7.68 12.09 5.34
N ILE A 34 7.15 11.52 6.43
CA ILE A 34 5.71 11.41 6.58
C ILE A 34 5.05 12.77 6.49
N HIS A 35 5.58 13.76 7.21
CA HIS A 35 5.00 15.10 7.13
C HIS A 35 4.93 15.63 5.70
N ARG A 36 5.98 15.45 4.92
CA ARG A 36 5.98 15.91 3.54
C ARG A 36 4.96 15.11 2.69
N VAL A 37 5.01 13.80 2.80
CA VAL A 37 4.08 12.99 2.03
C VAL A 37 2.62 13.30 2.41
N LEU A 38 2.31 13.43 3.70
CA LEU A 38 0.92 13.73 4.07
C LEU A 38 0.50 15.09 3.57
N SER A 39 1.39 16.08 3.65
CA SER A 39 1.07 17.43 3.19
C SER A 39 0.77 17.38 1.72
N ASP A 40 1.65 16.76 0.94
CA ASP A 40 1.38 16.67 -0.48
C ASP A 40 0.08 15.96 -0.78
N LEU A 41 -0.20 14.83 -0.13
CA LEU A 41 -1.45 14.14 -0.40
C LEU A 41 -2.69 14.94 0.00
N TYR A 42 -2.63 15.57 1.17
CA TYR A 42 -3.75 16.40 1.64
C TYR A 42 -3.98 17.50 0.63
N LYS A 43 -2.90 18.13 0.15
CA LYS A 43 -3.06 19.17 -0.84
C LYS A 43 -3.57 18.60 -2.17
N ALA A 44 -3.13 17.40 -2.57
CA ALA A 44 -3.55 16.79 -3.83
C ALA A 44 -5.06 16.43 -3.74
N ILE A 45 -5.49 16.01 -2.57
CA ILE A 45 -6.92 15.71 -2.39
C ILE A 45 -7.70 17.01 -2.61
N GLU A 46 -7.18 18.13 -2.11
CA GLU A 46 -7.86 19.41 -2.30
C GLU A 46 -7.81 19.90 -3.76
N ASP A 47 -6.63 19.91 -4.39
CA ASP A 47 -6.51 20.40 -5.77
C ASP A 47 -7.29 19.57 -6.78
N LEU A 48 -7.27 18.25 -6.60
CA LEU A 48 -7.95 17.37 -7.54
C LEU A 48 -9.36 17.06 -7.09
N ASN A 49 -9.75 17.65 -5.96
CA ASN A 49 -11.09 17.45 -5.41
C ASN A 49 -11.42 15.95 -5.39
N ILE A 50 -10.58 15.19 -4.70
CA ILE A 50 -10.78 13.76 -4.61
C ILE A 50 -11.90 13.53 -3.60
N THR A 51 -12.92 12.78 -4.01
CA THR A 51 -14.05 12.49 -3.14
C THR A 51 -13.73 11.31 -2.19
N SER A 52 -14.56 11.15 -1.14
CA SER A 52 -14.38 10.04 -0.19
C SER A 52 -14.52 8.73 -0.94
N ASP A 53 -15.45 8.65 -1.88
CA ASP A 53 -15.61 7.41 -2.64
C ASP A 53 -14.31 7.08 -3.38
N GLU A 54 -13.68 8.10 -3.97
CA GLU A 54 -12.44 7.84 -4.72
C GLU A 54 -11.34 7.47 -3.74
N TYR A 55 -11.29 8.22 -2.63
CA TYR A 55 -10.26 7.97 -1.64
C TYR A 55 -10.29 6.53 -1.13
N TRP A 56 -11.48 6.03 -0.74
CA TRP A 56 -11.59 4.67 -0.22
C TRP A 56 -11.30 3.58 -1.24
N ALA A 57 -11.54 3.87 -2.51
CA ALA A 57 -11.21 2.94 -3.59
C ALA A 57 -9.66 2.83 -3.59
N GLY A 58 -8.98 3.97 -3.41
CA GLY A 58 -7.53 3.96 -3.35
C GLY A 58 -7.02 3.18 -2.13
N VAL A 59 -7.71 3.32 -1.01
CA VAL A 59 -7.30 2.61 0.19
C VAL A 59 -7.47 1.12 -0.01
N ALA A 60 -8.58 0.72 -0.64
CA ALA A 60 -8.86 -0.69 -0.91
C ALA A 60 -7.79 -1.23 -1.84
N TYR A 61 -7.39 -0.44 -2.82
CA TYR A 61 -6.37 -0.88 -3.78
C TYR A 61 -5.10 -1.22 -3.04
N LEU A 62 -4.76 -0.37 -2.14
CA LEU A 62 -3.58 -0.53 -1.35
C LEU A 62 -3.58 -1.86 -0.56
N ASN A 63 -4.70 -2.21 0.08
CA ASN A 63 -4.75 -3.50 0.79
C ASN A 63 -4.54 -4.65 -0.20
N GLN A 64 -5.18 -4.53 -1.34
CA GLN A 64 -5.10 -5.54 -2.35
C GLN A 64 -3.70 -5.67 -2.90
N LEU A 65 -3.00 -4.54 -3.03
CA LEU A 65 -1.63 -4.54 -3.57
C LEU A 65 -0.70 -5.33 -2.62
N GLY A 66 -0.76 -5.02 -1.34
CA GLY A 66 0.07 -5.71 -0.36
C GLY A 66 -0.39 -7.14 -0.15
N ALA A 67 -1.70 -7.37 -0.18
CA ALA A 67 -2.22 -8.71 -0.02
C ALA A 67 -1.66 -9.64 -1.09
N ASN A 68 -1.38 -9.11 -2.28
CA ASN A 68 -0.82 -9.92 -3.38
C ASN A 68 0.69 -9.74 -3.51
N GLN A 69 1.28 -9.09 -2.52
CA GLN A 69 2.71 -8.82 -2.50
C GLN A 69 3.22 -8.28 -3.83
N GLU A 70 2.49 -7.31 -4.41
CA GLU A 70 2.93 -6.74 -5.67
C GLU A 70 3.45 -5.33 -5.58
N ALA A 71 3.67 -4.80 -4.39
CA ALA A 71 4.18 -3.42 -4.29
C ALA A 71 5.51 -3.26 -5.07
N GLY A 72 6.32 -4.32 -5.08
CA GLY A 72 7.60 -4.31 -5.79
C GLY A 72 7.47 -4.57 -7.28
N LEU A 73 6.25 -4.86 -7.73
CA LEU A 73 5.95 -5.06 -9.14
C LEU A 73 5.33 -3.76 -9.67
N LEU A 74 4.51 -3.12 -8.84
CA LEU A 74 3.90 -1.83 -9.21
C LEU A 74 4.98 -0.72 -9.26
N SER A 75 5.92 -0.76 -8.30
CA SER A 75 7.01 0.21 -8.21
C SER A 75 7.72 0.41 -9.58
N PRO A 76 8.25 -0.65 -10.20
CA PRO A 76 8.91 -0.43 -11.48
C PRO A 76 7.91 -0.01 -12.56
N GLY A 77 6.69 -0.49 -12.43
CA GLY A 77 5.64 -0.19 -13.40
C GLY A 77 5.31 1.28 -13.40
N LEU A 78 5.46 1.94 -12.25
CA LEU A 78 5.16 3.36 -12.12
C LEU A 78 6.41 4.22 -12.30
N GLY A 79 7.49 3.56 -12.72
CA GLY A 79 8.71 4.27 -13.03
C GLY A 79 9.71 4.53 -11.92
N PHE A 80 9.33 4.28 -10.67
CA PHE A 80 10.25 4.53 -9.56
C PHE A 80 11.60 3.88 -9.71
N ASP A 81 11.62 2.58 -9.99
CA ASP A 81 12.86 1.86 -10.09
C ASP A 81 13.84 2.52 -11.09
N HIS A 82 13.30 2.93 -12.22
CA HIS A 82 14.11 3.53 -13.27
C HIS A 82 14.50 4.93 -12.85
N TYR A 83 13.61 5.64 -12.17
CA TYR A 83 13.87 7.00 -11.70
C TYR A 83 15.08 7.00 -10.77
N LEU A 84 15.12 6.02 -9.87
CA LEU A 84 16.23 5.85 -8.93
C LEU A 84 17.52 5.62 -9.70
N ASP A 85 17.46 4.87 -10.82
CA ASP A 85 18.67 4.67 -11.62
C ASP A 85 19.06 5.98 -12.27
N MET A 86 18.09 6.75 -12.75
CA MET A 86 18.45 8.04 -13.38
C MET A 86 19.22 8.92 -12.39
N ARG A 87 18.79 8.91 -11.14
CA ARG A 87 19.43 9.70 -10.10
C ARG A 87 20.85 9.17 -9.93
N MET A 88 20.97 7.84 -9.87
CA MET A 88 22.30 7.26 -9.73
C MET A 88 23.18 7.66 -10.93
N ASP A 89 22.62 7.67 -12.13
CA ASP A 89 23.41 8.06 -13.30
C ASP A 89 23.84 9.53 -13.22
N ALA A 90 22.92 10.39 -12.81
CA ALA A 90 23.21 11.80 -12.68
C ALA A 90 24.32 12.00 -11.66
N GLU A 91 24.25 11.23 -10.59
CA GLU A 91 25.25 11.33 -9.53
C GLU A 91 26.63 10.88 -10.01
N ASP A 92 26.70 9.81 -10.79
CA ASP A 92 27.98 9.34 -11.31
C ASP A 92 28.55 10.34 -12.30
N ALA A 93 27.69 10.86 -13.17
CA ALA A 93 28.11 11.85 -14.17
C ALA A 93 28.76 13.05 -13.49
N ALA A 94 28.17 13.48 -12.37
CA ALA A 94 28.70 14.61 -11.63
C ALA A 94 30.09 14.25 -11.05
N LEU A 95 30.27 12.99 -10.64
CA LEU A 95 31.55 12.55 -10.09
C LEU A 95 32.55 12.21 -11.17
N GLY A 96 32.16 12.41 -12.43
CA GLY A 96 33.05 12.12 -13.53
C GLY A 96 33.20 10.65 -13.84
N ILE A 97 32.44 9.81 -13.14
CA ILE A 97 32.48 8.37 -13.36
C ILE A 97 31.78 8.05 -14.66
N GLU A 98 32.49 7.38 -15.56
CA GLU A 98 31.93 6.99 -16.85
C GLU A 98 31.52 5.51 -16.71
N ASN A 99 30.21 5.25 -16.77
CA ASN A 99 29.71 3.88 -16.64
C ASN A 99 29.75 3.08 -17.95
N ALA A 100 30.87 2.40 -18.18
CA ALA A 100 31.05 1.62 -19.37
C ALA A 100 29.83 0.73 -19.62
N THR A 101 29.39 -0.04 -18.62
CA THR A 101 28.21 -0.90 -18.82
C THR A 101 27.12 -0.23 -18.02
N PRO A 102 26.06 0.22 -18.69
CA PRO A 102 24.91 0.89 -18.09
C PRO A 102 24.19 0.06 -17.01
N ARG A 103 23.82 0.72 -15.93
CA ARG A 103 23.08 0.01 -14.90
C ARG A 103 21.62 0.06 -15.32
N THR A 104 20.81 -0.83 -14.75
CA THR A 104 19.36 -0.76 -14.96
C THR A 104 18.75 -1.47 -13.79
N ILE A 105 17.43 -1.52 -13.72
CA ILE A 105 16.75 -2.06 -12.54
C ILE A 105 17.00 -3.52 -12.22
N GLU A 106 16.93 -3.79 -10.94
CA GLU A 106 17.15 -5.10 -10.43
C GLU A 106 15.90 -5.93 -10.59
N GLY A 107 14.75 -5.33 -10.38
CA GLY A 107 13.53 -6.12 -10.46
C GLY A 107 13.30 -6.71 -9.07
N PRO A 108 12.09 -7.23 -8.78
CA PRO A 108 11.78 -7.79 -7.47
C PRO A 108 11.94 -9.30 -7.34
N LEU A 109 12.60 -9.95 -8.30
CA LEU A 109 12.68 -11.40 -8.28
C LEU A 109 14.03 -12.01 -8.02
N TYR A 110 14.94 -11.27 -7.40
CA TYR A 110 16.25 -11.84 -7.07
C TYR A 110 16.11 -12.80 -5.88
N VAL A 111 16.88 -13.87 -5.88
CA VAL A 111 16.85 -14.83 -4.78
C VAL A 111 18.28 -15.14 -4.40
N ALA A 112 18.65 -14.85 -3.16
CA ALA A 112 20.02 -15.14 -2.71
C ALA A 112 20.20 -16.64 -2.42
N GLY A 113 21.45 -17.11 -2.58
CA GLY A 113 21.77 -18.50 -2.30
C GLY A 113 21.96 -19.44 -3.47
N ALA A 114 22.01 -18.90 -4.68
CA ALA A 114 22.15 -19.75 -5.84
C ALA A 114 23.47 -20.50 -5.80
N PRO A 115 23.51 -21.72 -6.34
CA PRO A 115 24.77 -22.46 -6.33
C PRO A 115 25.79 -21.72 -7.17
N GLU A 116 27.06 -21.80 -6.78
CA GLU A 116 28.08 -21.13 -7.58
C GLU A 116 29.13 -22.11 -8.11
N SER A 117 29.86 -21.68 -9.13
CA SER A 117 30.89 -22.52 -9.72
C SER A 117 31.81 -21.58 -10.44
N VAL A 118 32.96 -22.08 -10.84
CA VAL A 118 33.90 -21.23 -11.52
C VAL A 118 33.81 -21.36 -13.00
N GLY A 119 33.76 -20.20 -13.67
CA GLY A 119 33.75 -20.13 -15.12
C GLY A 119 32.58 -20.68 -15.91
N TYR A 120 31.98 -21.76 -15.44
CA TYR A 120 30.90 -22.40 -16.20
C TYR A 120 29.83 -23.08 -15.36
N ALA A 121 28.62 -23.11 -15.89
CA ALA A 121 27.52 -23.79 -15.24
C ALA A 121 26.35 -23.90 -16.17
N ARG A 122 25.56 -24.95 -15.98
CA ARG A 122 24.31 -25.09 -16.71
C ARG A 122 23.28 -24.59 -15.68
N MET A 123 22.42 -23.66 -16.10
CA MET A 123 21.46 -23.05 -15.20
C MET A 123 20.08 -23.63 -15.07
N ASP A 124 19.68 -24.38 -16.09
CA ASP A 124 18.35 -24.93 -16.12
C ASP A 124 18.37 -26.42 -15.88
N ASP A 125 17.22 -26.96 -15.45
CA ASP A 125 17.08 -28.39 -15.18
C ASP A 125 16.39 -29.10 -16.32
N GLY A 126 16.33 -28.45 -17.48
CA GLY A 126 15.70 -29.04 -18.64
C GLY A 126 14.25 -29.44 -18.48
N SER A 127 13.55 -28.84 -17.53
CA SER A 127 12.15 -29.17 -17.32
C SER A 127 11.20 -28.39 -18.25
N ASP A 128 11.70 -27.35 -18.88
CA ASP A 128 10.85 -26.55 -19.76
C ASP A 128 10.76 -27.30 -21.08
N PRO A 129 9.60 -27.89 -21.38
CA PRO A 129 9.41 -28.65 -22.62
C PRO A 129 9.75 -27.86 -23.89
N ASN A 130 9.48 -26.56 -23.87
CA ASN A 130 9.73 -25.75 -25.05
C ASN A 130 11.00 -24.92 -24.92
N GLY A 131 11.90 -25.32 -24.03
CA GLY A 131 13.11 -24.56 -23.85
C GLY A 131 14.07 -24.68 -25.01
N HIS A 132 14.59 -23.55 -25.47
CA HIS A 132 15.55 -23.56 -26.55
C HIS A 132 16.92 -23.28 -25.92
N THR A 133 17.86 -24.19 -26.13
CA THR A 133 19.20 -24.05 -25.56
C THR A 133 19.86 -22.70 -25.88
N LEU A 134 20.45 -22.08 -24.85
CA LEU A 134 21.12 -20.80 -25.00
C LEU A 134 22.50 -20.92 -24.36
N ILE A 135 23.52 -20.53 -25.10
CA ILE A 135 24.89 -20.53 -24.58
C ILE A 135 25.19 -19.05 -24.41
N LEU A 136 25.29 -18.62 -23.16
CA LEU A 136 25.51 -17.21 -22.83
C LEU A 136 26.93 -17.07 -22.24
N HIS A 137 27.73 -16.18 -22.78
CA HIS A 137 29.08 -16.04 -22.24
C HIS A 137 29.65 -14.67 -22.52
N GLY A 138 30.77 -14.38 -21.87
CA GLY A 138 31.40 -13.09 -22.07
C GLY A 138 32.58 -12.93 -21.15
N THR A 139 33.10 -11.71 -21.11
CA THR A 139 34.26 -11.40 -20.27
C THR A 139 33.90 -10.26 -19.33
N ILE A 140 34.52 -10.26 -18.15
CA ILE A 140 34.31 -9.19 -17.20
C ILE A 140 35.60 -8.35 -17.18
N PHE A 141 35.48 -7.05 -17.41
CA PHE A 141 36.64 -6.15 -17.39
C PHE A 141 36.63 -5.24 -16.18
N ASP A 142 37.80 -4.95 -15.62
CA ASP A 142 37.91 -4.06 -14.49
C ASP A 142 37.87 -2.64 -15.00
N ALA A 143 37.95 -1.68 -14.08
CA ALA A 143 37.90 -0.28 -14.48
C ALA A 143 38.99 0.14 -15.47
N ASP A 144 40.05 -0.67 -15.61
CA ASP A 144 41.11 -0.30 -16.57
C ASP A 144 40.91 -0.94 -17.92
N GLY A 145 39.91 -1.81 -18.03
CA GLY A 145 39.69 -2.44 -19.31
C GLY A 145 40.48 -3.73 -19.44
N LYS A 146 40.77 -4.36 -18.32
CA LYS A 146 41.52 -5.60 -18.30
C LYS A 146 40.63 -6.73 -17.81
N PRO A 147 40.72 -7.92 -18.42
CA PRO A 147 39.91 -9.07 -18.02
C PRO A 147 40.05 -9.25 -16.52
N LEU A 148 38.95 -9.54 -15.83
CA LEU A 148 38.99 -9.62 -14.39
C LEU A 148 38.57 -10.98 -13.84
N PRO A 149 39.55 -11.81 -13.47
CA PRO A 149 39.24 -13.13 -12.92
C PRO A 149 38.69 -12.97 -11.51
N ASN A 150 37.96 -13.98 -11.04
CA ASN A 150 37.42 -13.97 -9.70
C ASN A 150 36.28 -13.01 -9.44
N ALA A 151 35.68 -12.47 -10.50
CA ALA A 151 34.53 -11.58 -10.36
C ALA A 151 33.33 -12.50 -10.21
N LYS A 152 32.36 -12.11 -9.39
CA LYS A 152 31.16 -12.95 -9.20
C LYS A 152 30.02 -12.45 -10.09
N VAL A 153 29.65 -13.27 -11.06
CA VAL A 153 28.57 -12.92 -11.98
C VAL A 153 27.30 -13.68 -11.56
N GLU A 154 26.28 -12.95 -11.11
CA GLU A 154 25.05 -13.61 -10.74
C GLU A 154 24.02 -13.41 -11.87
N ILE A 155 23.40 -14.50 -12.31
CA ILE A 155 22.46 -14.45 -13.39
C ILE A 155 21.15 -15.15 -13.06
N TRP A 156 20.03 -14.49 -13.35
CA TRP A 156 18.75 -15.14 -13.13
C TRP A 156 17.84 -14.69 -14.24
N HIS A 157 16.93 -15.57 -14.64
CA HIS A 157 15.99 -15.22 -15.71
C HIS A 157 14.78 -16.17 -15.66
N ALA A 158 13.81 -15.93 -16.52
CA ALA A 158 12.59 -16.72 -16.56
C ALA A 158 12.67 -17.83 -17.60
N ASN A 159 11.70 -18.76 -17.54
CA ASN A 159 11.66 -19.84 -18.52
C ASN A 159 10.86 -19.34 -19.69
N THR A 160 10.49 -20.24 -20.60
CA THR A 160 9.74 -19.85 -21.80
C THR A 160 8.30 -19.45 -21.49
N LYS A 161 7.88 -19.54 -20.23
CA LYS A 161 6.53 -19.13 -19.86
C LYS A 161 6.56 -17.82 -19.11
N GLY A 162 7.74 -17.24 -18.97
CA GLY A 162 7.90 -15.98 -18.26
C GLY A 162 7.86 -16.09 -16.75
N PHE A 163 8.08 -17.28 -16.22
CA PHE A 163 8.08 -17.51 -14.77
C PHE A 163 9.49 -17.74 -14.23
N TYR A 164 9.72 -17.21 -13.04
CA TYR A 164 11.01 -17.38 -12.38
C TYR A 164 10.87 -18.43 -11.31
N SER A 165 11.95 -19.15 -11.02
CA SER A 165 11.92 -20.11 -9.93
C SER A 165 11.64 -19.29 -8.64
N HIS A 166 10.93 -19.92 -7.69
CA HIS A 166 10.54 -19.32 -6.41
C HIS A 166 9.37 -18.34 -6.54
N PHE A 167 8.98 -18.01 -7.76
CA PHE A 167 7.86 -17.10 -8.00
C PHE A 167 6.99 -17.66 -9.13
N ASP A 168 7.10 -18.97 -9.36
CA ASP A 168 6.32 -19.64 -10.40
C ASP A 168 4.90 -19.87 -9.88
N PRO A 169 3.92 -19.15 -10.45
CA PRO A 169 2.52 -19.29 -10.03
C PRO A 169 1.87 -20.67 -10.28
N THR A 170 2.50 -21.51 -11.08
CA THR A 170 1.96 -22.83 -11.39
C THR A 170 2.67 -23.92 -10.61
N GLY A 171 2.76 -23.75 -9.29
CA GLY A 171 3.43 -24.76 -8.49
C GLY A 171 4.95 -24.68 -8.61
N GLU A 172 5.69 -25.80 -8.47
CA GLU A 172 7.14 -25.76 -8.31
C GLU A 172 7.85 -25.93 -9.65
N GLN A 173 9.17 -25.41 -9.45
CA GLN A 173 10.29 -25.42 -10.36
C GLN A 173 11.36 -25.78 -9.37
N GLN A 174 12.33 -26.56 -9.78
CA GLN A 174 13.40 -26.93 -8.88
C GLN A 174 13.96 -25.64 -8.28
N ALA A 175 14.48 -25.72 -7.06
CA ALA A 175 15.06 -24.56 -6.39
C ALA A 175 16.20 -24.01 -7.23
N PHE A 176 16.29 -22.68 -7.28
CA PHE A 176 17.31 -21.99 -8.03
C PHE A 176 17.40 -22.36 -9.51
N ASN A 177 16.30 -22.84 -10.09
CA ASN A 177 16.29 -23.17 -11.49
C ASN A 177 16.52 -21.84 -12.21
N MET A 178 17.46 -21.83 -13.15
CA MET A 178 17.81 -20.66 -13.95
C MET A 178 18.34 -19.47 -13.13
N ARG A 179 19.08 -19.81 -12.07
CA ARG A 179 19.68 -18.85 -11.18
C ARG A 179 21.03 -19.47 -10.80
N ARG A 180 22.12 -18.80 -11.15
CA ARG A 180 23.44 -19.30 -10.81
C ARG A 180 24.40 -18.17 -10.53
N SER A 181 25.43 -18.46 -9.73
CA SER A 181 26.48 -17.47 -9.48
C SER A 181 27.71 -18.07 -10.14
N ILE A 182 28.38 -17.28 -10.96
CA ILE A 182 29.57 -17.77 -11.63
C ILE A 182 30.79 -16.90 -11.37
N ILE A 183 31.85 -17.53 -10.88
CA ILE A 183 33.09 -16.82 -10.61
C ILE A 183 33.87 -16.82 -11.90
N THR A 184 34.29 -15.65 -12.37
CA THR A 184 35.05 -15.58 -13.61
C THR A 184 36.37 -16.38 -13.49
N ASP A 185 36.80 -16.95 -14.62
CA ASP A 185 38.02 -17.73 -14.62
C ASP A 185 39.30 -16.92 -14.86
N GLU A 186 40.38 -17.63 -15.17
CA GLU A 186 41.71 -17.05 -15.43
C GLU A 186 41.68 -15.97 -16.49
N ASN A 187 40.73 -16.06 -17.40
CA ASN A 187 40.64 -15.09 -18.48
C ASN A 187 39.57 -14.06 -18.17
N GLY A 188 39.03 -14.10 -16.95
CA GLY A 188 37.99 -13.14 -16.58
C GLY A 188 36.70 -13.42 -17.34
N GLN A 189 36.51 -14.67 -17.76
CA GLN A 189 35.32 -15.04 -18.50
C GLN A 189 34.28 -15.85 -17.73
N TYR A 190 33.05 -15.82 -18.21
CA TYR A 190 31.98 -16.61 -17.60
C TYR A 190 31.25 -17.27 -18.76
N ARG A 191 30.68 -18.43 -18.54
CA ARG A 191 29.96 -19.09 -19.61
C ARG A 191 28.88 -19.92 -18.99
N VAL A 192 27.66 -19.79 -19.50
CA VAL A 192 26.58 -20.58 -18.96
C VAL A 192 25.78 -21.21 -20.05
N ARG A 193 25.20 -22.36 -19.75
CA ARG A 193 24.29 -22.99 -20.68
C ARG A 193 22.93 -22.90 -19.97
N THR A 194 21.92 -22.34 -20.64
CA THR A 194 20.61 -22.24 -20.06
C THR A 194 19.61 -22.29 -21.23
N ILE A 195 18.48 -21.59 -21.13
CA ILE A 195 17.51 -21.58 -22.24
C ILE A 195 17.12 -20.13 -22.48
N LEU A 196 16.61 -19.83 -23.67
CA LEU A 196 16.16 -18.47 -23.97
C LEU A 196 14.91 -18.19 -23.18
N PRO A 197 14.92 -17.11 -22.39
CA PRO A 197 13.75 -16.73 -21.58
C PRO A 197 12.68 -16.12 -22.47
N ALA A 198 11.44 -16.12 -21.99
CA ALA A 198 10.34 -15.49 -22.72
C ALA A 198 10.07 -14.24 -21.87
N GLY A 199 9.52 -13.20 -22.48
CA GLY A 199 9.22 -12.00 -21.72
C GLY A 199 8.33 -12.29 -20.52
N TYR A 200 8.44 -11.46 -19.49
CA TYR A 200 7.63 -11.59 -18.27
C TYR A 200 6.35 -10.75 -18.46
N GLY A 201 5.24 -11.21 -17.91
CA GLY A 201 4.01 -10.44 -18.03
C GLY A 201 3.38 -10.38 -16.66
N CYS A 202 2.94 -9.21 -16.21
CA CYS A 202 2.31 -9.11 -14.90
C CYS A 202 1.09 -10.03 -14.74
N PRO A 203 0.85 -10.57 -13.54
CA PRO A 203 -0.33 -11.44 -13.32
C PRO A 203 -1.54 -10.65 -13.83
N PRO A 204 -2.22 -11.17 -14.88
CA PRO A 204 -3.37 -10.53 -15.48
C PRO A 204 -4.43 -10.03 -14.53
N GLU A 205 -4.72 -10.79 -13.49
CA GLU A 205 -5.74 -10.38 -12.56
C GLU A 205 -5.22 -9.75 -11.29
N GLY A 206 -3.90 -9.51 -11.23
CA GLY A 206 -3.31 -8.88 -10.06
C GLY A 206 -3.55 -7.38 -10.01
N PRO A 207 -3.38 -6.74 -8.84
CA PRO A 207 -3.58 -5.29 -8.71
C PRO A 207 -2.64 -4.44 -9.62
N THR A 208 -1.43 -4.91 -9.88
CA THR A 208 -0.54 -4.11 -10.73
C THR A 208 -1.19 -4.00 -12.12
N GLN A 209 -1.60 -5.13 -12.68
CA GLN A 209 -2.23 -5.08 -13.99
C GLN A 209 -3.52 -4.30 -13.97
N GLN A 210 -4.31 -4.43 -12.91
CA GLN A 210 -5.54 -3.67 -12.77
C GLN A 210 -5.26 -2.17 -12.90
N LEU A 211 -4.25 -1.68 -12.18
CA LEU A 211 -3.93 -0.26 -12.26
C LEU A 211 -3.41 0.10 -13.65
N LEU A 212 -2.49 -0.70 -14.19
CA LEU A 212 -1.96 -0.39 -15.52
C LEU A 212 -3.07 -0.30 -16.56
N ASN A 213 -4.13 -1.10 -16.43
CA ASN A 213 -5.25 -1.04 -17.37
C ASN A 213 -5.94 0.31 -17.30
N GLN A 214 -6.08 0.85 -16.08
CA GLN A 214 -6.70 2.15 -15.90
C GLN A 214 -5.86 3.28 -16.51
N LEU A 215 -4.59 3.01 -16.81
CA LEU A 215 -3.69 3.99 -17.43
C LEU A 215 -3.54 3.71 -18.94
N GLY A 216 -4.22 2.68 -19.41
CA GLY A 216 -4.15 2.31 -20.81
C GLY A 216 -2.82 1.67 -21.17
N ARG A 217 -2.17 1.06 -20.18
CA ARG A 217 -0.86 0.45 -20.39
C ARG A 217 -0.83 -1.06 -20.22
N HIS A 218 0.11 -1.72 -20.88
CA HIS A 218 0.24 -3.17 -20.72
C HIS A 218 1.22 -3.45 -19.59
N GLY A 219 1.31 -4.71 -19.15
CA GLY A 219 2.23 -5.04 -18.08
C GLY A 219 3.26 -6.05 -18.55
N ASN A 220 3.82 -5.85 -19.74
CA ASN A 220 4.80 -6.78 -20.29
C ASN A 220 6.22 -6.31 -20.33
N ARG A 221 7.13 -7.27 -20.22
CA ARG A 221 8.55 -6.99 -20.31
C ARG A 221 9.12 -7.83 -21.44
N PRO A 222 10.12 -7.30 -22.15
CA PRO A 222 10.73 -8.07 -23.24
C PRO A 222 11.53 -9.21 -22.59
N ALA A 223 11.88 -10.23 -23.36
CA ALA A 223 12.68 -11.34 -22.84
C ALA A 223 14.02 -10.71 -22.37
N HIS A 224 14.42 -11.03 -21.14
CA HIS A 224 15.63 -10.44 -20.59
C HIS A 224 16.32 -11.34 -19.57
N ILE A 225 17.58 -11.01 -19.32
CA ILE A 225 18.40 -11.76 -18.40
C ILE A 225 19.05 -10.81 -17.41
N HIS A 226 18.89 -11.09 -16.13
CA HIS A 226 19.42 -10.25 -15.06
C HIS A 226 20.88 -10.57 -14.70
N TYR A 227 21.60 -9.54 -14.26
CA TYR A 227 22.98 -9.65 -13.85
C TYR A 227 23.28 -8.82 -12.61
N PHE A 228 24.10 -9.39 -11.73
CA PHE A 228 24.71 -8.70 -10.62
C PHE A 228 26.18 -9.07 -10.87
N VAL A 229 27.08 -8.09 -10.87
CA VAL A 229 28.48 -8.43 -10.98
C VAL A 229 29.18 -7.68 -9.85
N SER A 230 29.93 -8.43 -9.03
CA SER A 230 30.69 -7.81 -7.95
C SER A 230 32.14 -8.33 -7.96
N ALA A 231 33.06 -7.48 -7.53
CA ALA A 231 34.50 -7.79 -7.47
C ALA A 231 35.20 -6.79 -6.57
N ASP A 232 36.25 -7.24 -5.90
CA ASP A 232 37.00 -6.33 -5.04
C ASP A 232 37.43 -5.06 -5.78
N GLY A 233 37.45 -3.96 -5.04
CA GLY A 233 37.87 -2.69 -5.59
C GLY A 233 36.89 -2.09 -6.56
N HIS A 234 35.76 -2.77 -6.79
CA HIS A 234 34.77 -2.25 -7.73
C HIS A 234 33.39 -2.19 -7.12
N ARG A 235 32.57 -1.31 -7.68
CA ARG A 235 31.20 -1.15 -7.21
C ARG A 235 30.39 -2.31 -7.77
N LYS A 236 29.35 -2.70 -7.04
CA LYS A 236 28.47 -3.78 -7.48
C LYS A 236 27.60 -3.26 -8.65
N LEU A 237 27.68 -3.98 -9.78
CA LEU A 237 26.92 -3.62 -11.00
C LEU A 237 25.60 -4.36 -11.02
N THR A 238 24.51 -3.65 -11.29
CA THR A 238 23.20 -4.27 -11.44
C THR A 238 22.79 -3.90 -12.84
N THR A 239 22.52 -4.90 -13.67
CA THR A 239 22.11 -4.60 -15.01
C THR A 239 21.32 -5.78 -15.61
N GLN A 240 20.94 -5.64 -16.88
CA GLN A 240 20.19 -6.69 -17.60
C GLN A 240 20.54 -6.60 -19.08
N ILE A 241 20.19 -7.65 -19.82
CA ILE A 241 20.34 -7.64 -21.27
C ILE A 241 18.99 -8.09 -21.81
N ASN A 242 18.57 -7.49 -22.93
CA ASN A 242 17.30 -7.77 -23.59
C ASN A 242 17.64 -8.50 -24.86
N VAL A 243 16.84 -9.53 -25.18
CA VAL A 243 17.05 -10.28 -26.39
C VAL A 243 16.60 -9.38 -27.54
N ALA A 244 17.50 -9.15 -28.49
CA ALA A 244 17.18 -8.29 -29.61
C ALA A 244 15.99 -8.86 -30.42
N GLY A 245 15.16 -7.95 -30.92
CA GLY A 245 14.03 -8.37 -31.71
C GLY A 245 12.76 -8.52 -30.91
N ASP A 246 12.84 -8.54 -29.58
CA ASP A 246 11.64 -8.70 -28.78
C ASP A 246 10.68 -7.54 -29.06
N PRO A 247 9.38 -7.83 -29.17
CA PRO A 247 8.35 -6.83 -29.44
C PRO A 247 8.31 -5.74 -28.40
N TYR A 248 8.78 -6.02 -27.20
CA TYR A 248 8.73 -5.03 -26.15
C TYR A 248 10.07 -4.46 -25.81
N THR A 249 11.07 -4.70 -26.66
CA THR A 249 12.39 -4.18 -26.41
C THR A 249 12.33 -2.70 -26.04
N TYR A 250 11.58 -1.93 -26.81
CA TYR A 250 11.50 -0.50 -26.56
C TYR A 250 10.15 -0.09 -25.99
N ASP A 251 9.45 -1.04 -25.40
CA ASP A 251 8.15 -0.71 -24.84
C ASP A 251 7.94 -1.59 -23.63
N ASP A 252 8.92 -1.54 -22.75
CA ASP A 252 8.96 -2.30 -21.52
C ASP A 252 8.13 -1.58 -20.46
N PHE A 253 7.23 -2.29 -19.78
CA PHE A 253 6.39 -1.63 -18.77
C PHE A 253 7.21 -1.20 -17.55
N ALA A 254 8.40 -1.77 -17.40
CA ALA A 254 9.29 -1.44 -16.27
C ALA A 254 10.35 -0.40 -16.67
N TYR A 255 10.32 0.05 -17.93
CA TYR A 255 11.28 1.04 -18.45
C TYR A 255 12.74 0.75 -18.05
N ALA A 256 13.14 -0.49 -18.17
CA ALA A 256 14.48 -0.86 -17.78
C ALA A 256 15.39 -1.01 -18.98
N THR A 257 14.82 -1.07 -20.18
CA THR A 257 15.70 -1.26 -21.36
C THR A 257 16.53 -0.02 -21.68
N ARG A 258 17.77 -0.28 -22.09
CA ARG A 258 18.72 0.77 -22.44
C ARG A 258 19.60 0.41 -23.60
N GLU A 259 20.08 1.44 -24.30
CA GLU A 259 20.99 1.22 -25.42
C GLU A 259 22.24 0.64 -24.83
N GLY A 260 22.79 -0.39 -25.48
CA GLY A 260 23.97 -1.00 -24.95
C GLY A 260 23.63 -2.25 -24.17
N LEU A 261 22.36 -2.44 -23.84
CA LEU A 261 21.94 -3.63 -23.12
C LEU A 261 21.10 -4.56 -24.01
N VAL A 262 20.93 -4.20 -25.28
CA VAL A 262 20.15 -5.03 -26.20
C VAL A 262 21.15 -5.95 -26.94
N VAL A 263 20.99 -7.25 -26.77
CA VAL A 263 21.92 -8.18 -27.39
C VAL A 263 21.25 -9.18 -28.33
N ASP A 264 21.94 -9.49 -29.42
CA ASP A 264 21.44 -10.45 -30.41
C ASP A 264 21.73 -11.87 -29.95
N ALA A 265 20.76 -12.74 -30.21
CA ALA A 265 20.92 -14.14 -29.89
C ALA A 265 21.11 -14.85 -31.24
N VAL A 266 22.35 -15.15 -31.61
CA VAL A 266 22.63 -15.81 -32.87
C VAL A 266 22.23 -17.29 -32.84
N GLU A 267 21.47 -17.72 -33.83
CA GLU A 267 21.02 -19.12 -33.93
C GLU A 267 22.03 -19.97 -34.69
N HIS A 268 22.33 -21.14 -34.15
CA HIS A 268 23.28 -22.05 -34.77
C HIS A 268 22.58 -23.35 -35.07
N THR A 269 22.73 -23.86 -36.28
CA THR A 269 22.10 -25.12 -36.69
C THR A 269 23.06 -26.02 -37.44
N ASP A 270 24.25 -25.51 -37.72
CA ASP A 270 25.20 -26.33 -38.45
C ASP A 270 25.85 -27.29 -37.48
N PRO A 271 26.12 -28.53 -37.94
CA PRO A 271 26.75 -29.59 -37.14
C PRO A 271 28.05 -29.22 -36.46
N GLU A 272 28.89 -28.43 -37.13
CA GLU A 272 30.17 -28.05 -36.56
C GLU A 272 30.01 -27.24 -35.29
N ALA A 273 29.11 -26.25 -35.32
CA ALA A 273 28.89 -25.40 -34.16
C ALA A 273 28.25 -26.21 -33.04
N ILE A 274 27.25 -27.00 -33.38
CA ILE A 274 26.53 -27.84 -32.42
C ILE A 274 27.47 -28.79 -31.68
N LYS A 275 28.36 -29.40 -32.44
CA LYS A 275 29.32 -30.36 -31.90
C LYS A 275 30.38 -29.67 -31.04
N ALA A 276 30.89 -28.55 -31.54
CA ALA A 276 31.93 -27.78 -30.85
C ALA A 276 31.52 -27.30 -29.45
N ASN A 277 30.23 -26.99 -29.26
CA ASN A 277 29.76 -26.54 -27.96
C ASN A 277 29.05 -27.69 -27.28
N ASP A 278 29.34 -28.89 -27.77
CA ASP A 278 28.74 -30.12 -27.26
C ASP A 278 27.31 -29.95 -26.74
N VAL A 279 26.43 -29.58 -27.65
CA VAL A 279 25.03 -29.42 -27.36
C VAL A 279 24.34 -30.59 -28.08
N GLU A 280 23.06 -30.81 -27.80
CA GLU A 280 22.32 -31.91 -28.42
C GLU A 280 21.57 -31.53 -29.71
N GLY A 281 21.63 -30.25 -30.09
CA GLY A 281 20.94 -29.79 -31.28
C GLY A 281 21.13 -28.31 -31.51
N PRO A 282 20.31 -27.68 -32.36
CA PRO A 282 20.43 -26.25 -32.63
C PRO A 282 20.28 -25.44 -31.32
N PHE A 283 21.00 -24.33 -31.23
CA PHE A 283 20.98 -23.52 -30.04
C PHE A 283 21.27 -22.06 -30.38
N ALA A 284 20.97 -21.18 -29.43
CA ALA A 284 21.25 -19.77 -29.60
C ALA A 284 22.52 -19.41 -28.81
N GLU A 285 23.25 -18.43 -29.31
CA GLU A 285 24.44 -17.95 -28.64
C GLU A 285 24.35 -16.44 -28.40
N MET A 286 24.69 -16.01 -27.19
CA MET A 286 24.70 -14.59 -26.86
C MET A 286 26.03 -14.31 -26.16
N VAL A 287 26.68 -13.22 -26.56
CA VAL A 287 27.93 -12.83 -25.95
C VAL A 287 27.69 -11.46 -25.32
N PHE A 288 28.09 -11.29 -24.07
CA PHE A 288 27.90 -9.99 -23.43
C PHE A 288 28.99 -9.76 -22.39
N ASP A 289 29.83 -8.75 -22.62
CA ASP A 289 30.90 -8.43 -21.67
C ASP A 289 30.42 -7.29 -20.80
N LEU A 290 30.90 -7.26 -19.57
CA LEU A 290 30.53 -6.18 -18.66
C LEU A 290 31.82 -5.56 -18.14
N LYS A 291 31.83 -4.24 -17.99
CA LYS A 291 32.97 -3.49 -17.49
C LYS A 291 32.53 -2.81 -16.18
N LEU A 292 33.33 -2.99 -15.14
CA LEU A 292 33.00 -2.44 -13.84
C LEU A 292 33.65 -1.09 -13.57
N THR A 293 33.18 -0.42 -12.52
CA THR A 293 33.71 0.88 -12.13
C THR A 293 34.34 0.71 -10.74
N ARG A 294 35.34 1.55 -10.46
CA ARG A 294 36.01 1.51 -9.18
C ARG A 294 35.16 2.12 -8.08
N LEU A 295 35.52 1.79 -6.84
CA LEU A 295 34.85 2.33 -5.66
C LEU A 295 35.12 3.83 -5.60
N VAL A 296 34.27 4.57 -4.91
CA VAL A 296 34.43 6.02 -4.82
C VAL A 296 34.95 6.31 -3.44
N ASP A 297 36.22 6.67 -3.37
CA ASP A 297 36.89 6.92 -2.10
C ASP A 297 36.72 5.73 -1.17
N GLY A 298 37.06 4.55 -1.71
CA GLY A 298 36.99 3.32 -0.98
C GLY A 298 35.63 2.75 -0.66
N VAL A 299 34.56 3.37 -1.15
CA VAL A 299 33.24 2.85 -0.85
C VAL A 299 32.36 2.74 -2.10
N ASP A 300 31.40 1.82 -2.03
CA ASP A 300 30.44 1.63 -3.13
C ASP A 300 29.29 2.59 -2.83
N ASN A 301 29.29 3.75 -3.48
CA ASN A 301 28.25 4.73 -3.22
C ASN A 301 26.88 4.37 -3.80
N GLN A 302 26.75 3.26 -4.51
CA GLN A 302 25.44 2.96 -5.08
C GLN A 302 24.81 1.58 -4.82
N VAL A 303 25.41 0.75 -3.97
CA VAL A 303 24.83 -0.55 -3.67
C VAL A 303 23.48 -0.30 -3.03
N VAL A 304 22.55 -1.19 -3.31
CA VAL A 304 21.25 -1.04 -2.71
C VAL A 304 20.97 -2.19 -1.78
N ASP A 305 20.57 -1.84 -0.58
CA ASP A 305 20.22 -2.82 0.40
C ASP A 305 18.70 -2.84 0.40
N ARG A 306 18.10 -3.91 -0.09
CA ARG A 306 16.64 -3.98 -0.10
C ARG A 306 16.25 -5.41 0.22
N PRO A 307 15.04 -5.63 0.75
CA PRO A 307 14.58 -6.98 1.06
C PRO A 307 14.61 -7.92 -0.18
N ARG A 308 15.31 -9.03 -0.05
CA ARG A 308 15.44 -10.02 -1.12
C ARG A 308 15.25 -11.41 -0.53
N LEU A 309 14.48 -12.24 -1.22
CA LEU A 309 14.24 -13.60 -0.77
C LEU A 309 15.58 -14.33 -0.68
N ALA A 310 15.73 -15.13 0.37
CA ALA A 310 16.95 -15.93 0.57
C ALA A 310 16.49 -17.37 0.78
N VAL A 311 17.13 -18.30 0.08
CA VAL A 311 16.75 -19.71 0.18
C VAL A 311 17.99 -20.57 0.45
N VAL B 3 22.88 17.29 -7.00
CA VAL B 3 22.23 16.52 -8.12
C VAL B 3 20.70 16.61 -8.12
N LYS B 4 20.16 17.32 -9.09
CA LYS B 4 18.72 17.50 -9.18
C LYS B 4 18.29 17.25 -10.61
N ILE B 5 17.36 16.33 -10.83
CA ILE B 5 16.91 16.05 -12.20
C ILE B 5 15.39 16.11 -12.37
N PHE B 6 14.66 16.25 -11.26
CA PHE B 6 13.20 16.25 -11.35
C PHE B 6 12.63 17.22 -12.37
N ASN B 7 13.08 18.47 -12.30
CA ASN B 7 12.57 19.48 -13.20
C ASN B 7 13.21 19.52 -14.56
N THR B 8 13.82 18.43 -14.98
CA THR B 8 14.41 18.37 -16.32
C THR B 8 13.37 17.77 -17.26
N GLN B 9 13.52 18.04 -18.56
CA GLN B 9 12.60 17.53 -19.55
C GLN B 9 12.44 16.02 -19.53
N ASP B 10 13.55 15.32 -19.40
CA ASP B 10 13.55 13.87 -19.41
C ASP B 10 12.66 13.28 -18.35
N VAL B 11 12.74 13.80 -17.13
CA VAL B 11 11.89 13.31 -16.04
C VAL B 11 10.43 13.71 -16.24
N GLN B 12 10.20 14.97 -16.61
CA GLN B 12 8.83 15.41 -16.81
C GLN B 12 8.12 14.62 -17.91
N ASP B 13 8.83 14.35 -18.99
CA ASP B 13 8.25 13.56 -20.09
C ASP B 13 7.98 12.14 -19.61
N PHE B 14 8.89 11.63 -18.81
CA PHE B 14 8.77 10.26 -18.28
C PHE B 14 7.53 10.14 -17.41
N LEU B 15 7.28 11.15 -16.61
CA LEU B 15 6.12 11.13 -15.75
C LEU B 15 4.82 11.04 -16.57
N ARG B 16 4.78 11.71 -17.73
CA ARG B 16 3.58 11.67 -18.52
C ARG B 16 3.42 10.27 -19.14
N VAL B 17 4.53 9.64 -19.51
CA VAL B 17 4.53 8.30 -20.09
C VAL B 17 4.08 7.25 -19.08
N ALA B 18 4.69 7.28 -17.89
CA ALA B 18 4.35 6.34 -16.83
C ALA B 18 2.89 6.48 -16.40
N SER B 19 2.38 7.72 -16.45
CA SER B 19 1.01 8.01 -16.06
C SER B 19 -0.01 7.66 -17.16
N GLY B 20 0.45 7.25 -18.34
CA GLY B 20 -0.45 6.91 -19.44
C GLY B 20 -1.15 8.10 -20.09
N LEU B 21 -0.69 9.32 -19.80
CA LEU B 21 -1.31 10.54 -20.32
C LEU B 21 -1.52 10.58 -21.82
N GLU B 22 -0.51 10.20 -22.59
CA GLU B 22 -0.62 10.18 -24.03
C GLU B 22 -1.12 8.83 -24.53
N GLN B 23 -1.65 8.03 -23.62
CA GLN B 23 -2.18 6.72 -23.95
C GLN B 23 -3.67 6.89 -24.31
N GLU B 24 -4.12 6.19 -25.32
CA GLU B 24 -5.51 6.33 -25.76
C GLU B 24 -6.55 5.71 -24.80
N GLY B 25 -6.32 4.47 -24.40
CA GLY B 25 -7.25 3.82 -23.51
C GLY B 25 -7.03 4.24 -22.05
N GLY B 26 -7.84 3.67 -21.17
CA GLY B 26 -7.73 3.98 -19.76
C GLY B 26 -8.77 4.96 -19.24
N ASN B 27 -8.64 5.28 -17.96
CA ASN B 27 -9.53 6.20 -17.28
C ASN B 27 -8.78 7.51 -16.98
N PRO B 28 -9.13 8.60 -17.69
CA PRO B 28 -8.49 9.91 -17.51
C PRO B 28 -8.45 10.42 -16.08
N ARG B 29 -9.50 10.13 -15.32
CA ARG B 29 -9.54 10.58 -13.94
C ARG B 29 -8.40 9.90 -13.17
N VAL B 30 -8.24 8.61 -13.40
CA VAL B 30 -7.19 7.84 -12.73
C VAL B 30 -5.84 8.40 -13.17
N LYS B 31 -5.66 8.60 -14.47
CA LYS B 31 -4.41 9.13 -15.00
C LYS B 31 -4.06 10.46 -14.35
N GLN B 32 -5.03 11.37 -14.30
CA GLN B 32 -4.83 12.67 -13.69
C GLN B 32 -4.34 12.59 -12.25
N ILE B 33 -4.97 11.73 -11.46
CA ILE B 33 -4.58 11.56 -10.06
C ILE B 33 -3.21 10.87 -9.97
N ILE B 34 -2.99 9.82 -10.75
CA ILE B 34 -1.71 9.14 -10.73
C ILE B 34 -0.60 10.11 -11.16
N HIS B 35 -0.85 10.90 -12.19
CA HIS B 35 0.19 11.84 -12.61
C HIS B 35 0.56 12.83 -11.49
N ARG B 36 -0.43 13.30 -10.72
CA ARG B 36 -0.16 14.24 -9.64
C ARG B 36 0.57 13.53 -8.49
N VAL B 37 0.11 12.36 -8.11
CA VAL B 37 0.75 11.64 -7.03
C VAL B 37 2.19 11.28 -7.38
N LEU B 38 2.42 10.71 -8.57
CA LEU B 38 3.77 10.33 -8.95
C LEU B 38 4.68 11.56 -8.96
N SER B 39 4.21 12.64 -9.57
CA SER B 39 4.99 13.88 -9.61
C SER B 39 5.41 14.30 -8.22
N ASP B 40 4.45 14.35 -7.30
CA ASP B 40 4.78 14.76 -5.96
C ASP B 40 5.75 13.81 -5.29
N LEU B 41 5.61 12.51 -5.52
CA LEU B 41 6.49 11.55 -4.86
C LEU B 41 7.90 11.59 -5.47
N TYR B 42 7.97 11.72 -6.81
CA TYR B 42 9.28 11.83 -7.47
C TYR B 42 9.99 13.06 -6.93
N LYS B 43 9.24 14.14 -6.78
CA LYS B 43 9.82 15.36 -6.28
C LYS B 43 10.20 15.23 -4.79
N ALA B 44 9.36 14.58 -3.99
CA ALA B 44 9.67 14.42 -2.58
C ALA B 44 10.93 13.57 -2.38
N ILE B 45 11.11 12.58 -3.24
CA ILE B 45 12.31 11.73 -3.16
C ILE B 45 13.57 12.61 -3.39
N GLU B 46 13.48 13.56 -4.33
CA GLU B 46 14.60 14.44 -4.62
C GLU B 46 14.80 15.51 -3.52
N ASP B 47 13.72 16.18 -3.12
CA ASP B 47 13.77 17.23 -2.09
C ASP B 47 14.28 16.74 -0.75
N LEU B 48 13.85 15.55 -0.33
CA LEU B 48 14.29 15.00 0.95
C LEU B 48 15.48 14.07 0.81
N ASN B 49 15.98 13.93 -0.42
CA ASN B 49 17.10 13.06 -0.73
C ASN B 49 16.86 11.63 -0.18
N ILE B 50 15.73 11.05 -0.54
CA ILE B 50 15.42 9.69 -0.11
C ILE B 50 16.30 8.72 -0.90
N THR B 51 17.04 7.88 -0.19
CA THR B 51 17.92 6.91 -0.81
C THR B 51 17.16 5.66 -1.28
N SER B 52 17.80 4.86 -2.15
CA SER B 52 17.15 3.62 -2.61
C SER B 52 16.84 2.73 -1.44
N ASP B 53 17.76 2.73 -0.46
CA ASP B 53 17.56 1.90 0.73
C ASP B 53 16.30 2.35 1.48
N GLU B 54 16.14 3.66 1.66
CA GLU B 54 14.95 4.16 2.35
C GLU B 54 13.74 3.83 1.52
N TYR B 55 13.84 4.11 0.22
CA TYR B 55 12.74 3.83 -0.70
C TYR B 55 12.23 2.37 -0.60
N TRP B 56 13.11 1.38 -0.74
CA TRP B 56 12.68 -0.01 -0.69
C TRP B 56 12.10 -0.45 0.65
N ALA B 57 12.48 0.25 1.71
CA ALA B 57 11.91 -0.04 3.02
C ALA B 57 10.45 0.42 3.00
N GLY B 58 10.17 1.52 2.30
CA GLY B 58 8.80 2.01 2.20
C GLY B 58 7.95 1.03 1.40
N VAL B 59 8.50 0.51 0.30
CA VAL B 59 7.78 -0.48 -0.52
C VAL B 59 7.49 -1.73 0.31
N ALA B 60 8.47 -2.15 1.10
CA ALA B 60 8.26 -3.34 1.91
C ALA B 60 7.13 -3.10 2.90
N TYR B 61 7.07 -1.88 3.45
CA TYR B 61 6.04 -1.55 4.44
C TYR B 61 4.69 -1.63 3.81
N LEU B 62 4.64 -1.15 2.58
CA LEU B 62 3.43 -1.14 1.82
C LEU B 62 2.89 -2.59 1.64
N ASN B 63 3.78 -3.51 1.30
CA ASN B 63 3.33 -4.90 1.20
C ASN B 63 2.76 -5.42 2.52
N GLN B 64 3.42 -5.14 3.64
CA GLN B 64 2.91 -5.68 4.90
C GLN B 64 1.64 -4.98 5.34
N LEU B 65 1.52 -3.70 5.01
CA LEU B 65 0.32 -2.95 5.35
C LEU B 65 -0.86 -3.69 4.71
N GLY B 66 -0.73 -4.00 3.43
CA GLY B 66 -1.80 -4.69 2.72
C GLY B 66 -1.97 -6.15 3.14
N ALA B 67 -0.86 -6.84 3.31
CA ALA B 67 -0.92 -8.24 3.74
C ALA B 67 -1.71 -8.34 5.03
N ASN B 68 -1.68 -7.29 5.85
CA ASN B 68 -2.43 -7.32 7.11
C ASN B 68 -3.77 -6.60 7.05
N GLN B 69 -4.20 -6.24 5.84
CA GLN B 69 -5.44 -5.53 5.65
C GLN B 69 -5.56 -4.35 6.62
N GLU B 70 -4.49 -3.58 6.77
CA GLU B 70 -4.53 -2.44 7.69
C GLU B 70 -4.53 -1.05 7.06
N ALA B 71 -4.67 -0.98 5.74
CA ALA B 71 -4.65 0.33 5.12
C ALA B 71 -5.81 1.19 5.66
N GLY B 72 -6.94 0.57 5.97
CA GLY B 72 -8.08 1.29 6.50
C GLY B 72 -7.97 1.66 7.97
N LEU B 73 -6.91 1.15 8.62
CA LEU B 73 -6.61 1.43 10.02
C LEU B 73 -5.56 2.55 10.10
N LEU B 74 -4.59 2.49 9.20
CA LEU B 74 -3.53 3.51 9.17
C LEU B 74 -4.14 4.82 8.66
N SER B 75 -5.03 4.71 7.68
CA SER B 75 -5.68 5.89 7.11
C SER B 75 -6.19 6.83 8.20
N PRO B 76 -7.04 6.35 9.13
CA PRO B 76 -7.51 7.28 10.15
C PRO B 76 -6.40 7.79 11.08
N GLY B 77 -5.41 6.94 11.34
CA GLY B 77 -4.30 7.34 12.20
C GLY B 77 -3.47 8.46 11.54
N LEU B 78 -3.43 8.52 10.21
CA LEU B 78 -2.69 9.58 9.54
C LEU B 78 -3.57 10.79 9.29
N GLY B 79 -4.74 10.82 9.91
CA GLY B 79 -5.65 11.95 9.78
C GLY B 79 -6.53 12.06 8.55
N PHE B 80 -6.36 11.15 7.57
CA PHE B 80 -7.15 11.23 6.36
C PHE B 80 -8.65 11.21 6.64
N ASP B 81 -9.11 10.26 7.44
CA ASP B 81 -10.54 10.15 7.73
C ASP B 81 -11.14 11.44 8.27
N HIS B 82 -10.49 12.03 9.26
CA HIS B 82 -10.96 13.28 9.84
C HIS B 82 -10.89 14.43 8.84
N TYR B 83 -9.81 14.48 8.07
CA TYR B 83 -9.62 15.52 7.05
C TYR B 83 -10.78 15.48 6.05
N LEU B 84 -11.19 14.26 5.67
CA LEU B 84 -12.29 14.13 4.72
C LEU B 84 -13.55 14.65 5.39
N ASP B 85 -13.69 14.44 6.72
CA ASP B 85 -14.87 15.00 7.43
C ASP B 85 -14.78 16.53 7.43
N MET B 86 -13.58 17.07 7.64
CA MET B 86 -13.42 18.54 7.62
C MET B 86 -13.88 19.09 6.27
N ARG B 87 -13.52 18.38 5.20
CA ARG B 87 -13.93 18.81 3.89
C ARG B 87 -15.46 18.79 3.74
N MET B 88 -16.09 17.73 4.26
CA MET B 88 -17.55 17.59 4.23
C MET B 88 -18.21 18.69 5.03
N ASP B 89 -17.67 18.99 6.20
CA ASP B 89 -18.22 20.07 7.01
C ASP B 89 -18.11 21.38 6.24
N ALA B 90 -16.96 21.62 5.62
CA ALA B 90 -16.72 22.85 4.88
C ALA B 90 -17.76 22.99 3.76
N GLU B 91 -17.99 21.90 3.04
CA GLU B 91 -18.94 21.90 1.94
C GLU B 91 -20.37 22.12 2.46
N ASP B 92 -20.71 21.54 3.61
CA ASP B 92 -22.05 21.75 4.15
C ASP B 92 -22.22 23.19 4.56
N ALA B 93 -21.20 23.76 5.18
CA ALA B 93 -21.26 25.16 5.59
C ALA B 93 -21.47 26.06 4.37
N ALA B 94 -20.78 25.74 3.28
CA ALA B 94 -20.90 26.52 2.06
C ALA B 94 -22.33 26.45 1.56
N LEU B 95 -22.97 25.31 1.75
CA LEU B 95 -24.35 25.14 1.32
C LEU B 95 -25.36 25.66 2.34
N GLY B 96 -24.87 26.26 3.43
CA GLY B 96 -25.75 26.78 4.45
C GLY B 96 -26.44 25.72 5.29
N ILE B 97 -25.90 24.50 5.27
CA ILE B 97 -26.47 23.41 6.05
C ILE B 97 -25.90 23.36 7.48
N GLU B 98 -26.79 23.42 8.46
CA GLU B 98 -26.42 23.35 9.87
C GLU B 98 -26.51 21.89 10.33
N ASN B 99 -25.38 21.29 10.68
CA ASN B 99 -25.36 19.91 11.16
C ASN B 99 -25.56 19.86 12.68
N ALA B 100 -26.81 19.76 13.11
CA ALA B 100 -27.10 19.74 14.53
C ALA B 100 -26.26 18.68 15.26
N THR B 101 -26.22 17.47 14.71
CA THR B 101 -25.41 16.40 15.30
C THR B 101 -24.18 16.31 14.40
N PRO B 102 -22.99 16.70 14.90
CA PRO B 102 -21.78 16.63 14.08
C PRO B 102 -21.40 15.22 13.60
N ARG B 103 -20.86 15.16 12.39
CA ARG B 103 -20.42 13.88 11.85
C ARG B 103 -19.01 13.61 12.35
N THR B 104 -18.61 12.36 12.28
CA THR B 104 -17.25 12.02 12.59
C THR B 104 -16.95 10.72 11.83
N ILE B 105 -15.75 10.19 11.92
CA ILE B 105 -15.41 9.03 11.11
C ILE B 105 -16.19 7.74 11.36
N GLU B 106 -16.26 6.96 10.29
CA GLU B 106 -16.95 5.69 10.33
C GLU B 106 -16.02 4.66 10.92
N GLY B 107 -14.74 4.77 10.58
CA GLY B 107 -13.79 3.77 11.03
C GLY B 107 -13.87 2.63 10.03
N PRO B 108 -12.96 1.65 10.11
CA PRO B 108 -13.01 0.53 9.15
C PRO B 108 -13.72 -0.75 9.59
N LEU B 109 -14.44 -0.70 10.70
CA LEU B 109 -15.04 -1.91 11.24
C LEU B 109 -16.54 -2.08 11.17
N TYR B 110 -17.21 -1.35 10.29
CA TYR B 110 -18.64 -1.55 10.13
C TYR B 110 -18.85 -2.88 9.39
N VAL B 111 -19.93 -3.59 9.74
CA VAL B 111 -20.27 -4.87 9.07
C VAL B 111 -21.75 -4.81 8.73
N ALA B 112 -22.09 -5.06 7.48
CA ALA B 112 -23.49 -5.02 7.08
C ALA B 112 -24.15 -6.39 7.34
N GLY B 113 -25.44 -6.37 7.65
CA GLY B 113 -26.17 -7.62 7.84
C GLY B 113 -26.67 -7.87 9.25
N ALA B 114 -26.46 -6.91 10.15
CA ALA B 114 -26.88 -7.07 11.54
C ALA B 114 -28.36 -7.29 11.77
N PRO B 115 -28.71 -8.02 12.83
CA PRO B 115 -30.13 -8.27 13.12
C PRO B 115 -30.85 -6.93 13.30
N GLU B 116 -32.08 -6.89 12.82
CA GLU B 116 -32.86 -5.68 12.88
C GLU B 116 -34.10 -5.85 13.75
N SER B 117 -34.45 -4.82 14.50
CA SER B 117 -35.61 -4.85 15.39
C SER B 117 -36.25 -3.45 15.49
N VAL B 118 -37.43 -3.38 16.07
CA VAL B 118 -38.10 -2.09 16.21
C VAL B 118 -37.96 -1.59 17.63
N GLY B 119 -37.69 -0.30 17.75
CA GLY B 119 -37.56 0.37 19.04
C GLY B 119 -36.57 -0.11 20.08
N TYR B 120 -36.42 -1.41 20.23
CA TYR B 120 -35.53 -1.93 21.26
C TYR B 120 -34.73 -3.09 20.73
N ALA B 121 -33.63 -3.36 21.42
CA ALA B 121 -32.79 -4.48 21.07
C ALA B 121 -31.72 -4.68 22.12
N ARG B 122 -31.41 -5.93 22.42
CA ARG B 122 -30.30 -6.19 23.31
C ARG B 122 -29.19 -6.53 22.30
N MET B 123 -28.03 -5.89 22.43
CA MET B 123 -26.99 -6.19 21.43
C MET B 123 -25.86 -7.11 21.78
N ASP B 124 -25.71 -7.41 23.06
CA ASP B 124 -24.65 -8.31 23.49
C ASP B 124 -25.28 -9.66 23.81
N ASP B 125 -24.47 -10.72 23.81
CA ASP B 125 -25.02 -12.04 24.11
C ASP B 125 -24.67 -12.51 25.51
N GLY B 126 -24.07 -11.62 26.32
CA GLY B 126 -23.70 -11.96 27.68
C GLY B 126 -22.44 -12.80 27.85
N SER B 127 -21.79 -13.17 26.75
CA SER B 127 -20.59 -13.98 26.82
C SER B 127 -19.44 -13.23 27.46
N ASP B 128 -19.46 -11.91 27.38
CA ASP B 128 -18.38 -11.08 27.94
C ASP B 128 -18.45 -11.07 29.47
N PRO B 129 -17.44 -11.68 30.12
CA PRO B 129 -17.31 -11.81 31.57
C PRO B 129 -17.30 -10.50 32.35
N ASN B 130 -16.47 -9.57 31.89
CA ASN B 130 -16.34 -8.29 32.57
C ASN B 130 -17.34 -7.25 32.11
N GLY B 131 -18.34 -7.68 31.36
CA GLY B 131 -19.34 -6.76 30.83
C GLY B 131 -20.12 -5.98 31.87
N HIS B 132 -20.30 -4.68 31.64
CA HIS B 132 -21.06 -3.82 32.55
C HIS B 132 -22.30 -3.36 31.77
N THR B 133 -23.47 -3.74 32.25
CA THR B 133 -24.71 -3.38 31.58
C THR B 133 -24.78 -1.89 31.24
N LEU B 134 -25.14 -1.59 30.00
CA LEU B 134 -25.28 -0.21 29.58
C LEU B 134 -26.63 -0.09 28.89
N ILE B 135 -27.39 0.93 29.24
CA ILE B 135 -28.66 1.18 28.61
C ILE B 135 -28.40 2.48 27.84
N LEU B 136 -28.40 2.39 26.52
CA LEU B 136 -28.16 3.54 25.67
C LEU B 136 -29.48 3.77 24.98
N HIS B 137 -29.99 4.99 25.04
CA HIS B 137 -31.26 5.27 24.38
C HIS B 137 -31.29 6.73 23.96
N GLY B 138 -32.20 7.07 23.06
CA GLY B 138 -32.26 8.45 22.61
C GLY B 138 -33.41 8.62 21.65
N THR B 139 -33.55 9.83 21.13
CA THR B 139 -34.61 10.16 20.19
C THR B 139 -33.94 10.64 18.91
N ILE B 140 -34.53 10.29 17.78
CA ILE B 140 -34.01 10.72 16.49
C ILE B 140 -34.93 11.82 16.00
N PHE B 141 -34.37 12.97 15.64
CA PHE B 141 -35.18 14.08 15.17
C PHE B 141 -35.00 14.31 13.70
N ASP B 142 -36.09 14.64 12.99
CA ASP B 142 -35.98 14.92 11.57
C ASP B 142 -35.38 16.31 11.38
N ALA B 143 -35.34 16.79 10.14
CA ALA B 143 -34.74 18.09 9.87
C ALA B 143 -35.51 19.29 10.47
N ASP B 144 -36.73 19.04 10.93
CA ASP B 144 -37.53 20.11 11.53
C ASP B 144 -37.59 20.04 13.04
N GLY B 145 -36.85 19.10 13.62
CA GLY B 145 -36.83 19.00 15.06
C GLY B 145 -37.93 18.16 15.65
N LYS B 146 -38.60 17.38 14.82
CA LYS B 146 -39.68 16.55 15.30
C LYS B 146 -39.21 15.11 15.41
N PRO B 147 -39.67 14.36 16.44
CA PRO B 147 -39.27 12.96 16.61
C PRO B 147 -39.59 12.19 15.32
N LEU B 148 -38.63 11.38 14.87
CA LEU B 148 -38.80 10.70 13.62
C LEU B 148 -38.90 9.19 13.75
N PRO B 149 -40.12 8.63 13.61
CA PRO B 149 -40.34 7.18 13.70
C PRO B 149 -39.82 6.52 12.41
N ASN B 150 -39.55 5.22 12.49
CA ASN B 150 -39.07 4.42 11.38
C ASN B 150 -37.74 4.84 10.81
N ALA B 151 -36.89 5.43 11.65
CA ALA B 151 -35.56 5.81 11.21
C ALA B 151 -34.74 4.56 11.54
N LYS B 152 -33.70 4.30 10.76
CA LYS B 152 -32.86 3.14 11.01
C LYS B 152 -31.58 3.55 11.72
N VAL B 153 -31.46 3.10 12.97
CA VAL B 153 -30.31 3.40 13.78
C VAL B 153 -29.40 2.20 13.83
N GLU B 154 -28.19 2.36 13.28
CA GLU B 154 -27.26 1.25 13.31
C GLU B 154 -26.21 1.58 14.31
N ILE B 155 -25.94 0.61 15.19
CA ILE B 155 -24.97 0.79 16.26
C ILE B 155 -24.01 -0.40 16.32
N TRP B 156 -22.73 -0.11 16.49
CA TRP B 156 -21.73 -1.17 16.64
C TRP B 156 -20.64 -0.61 17.55
N HIS B 157 -20.01 -1.49 18.32
CA HIS B 157 -18.95 -1.06 19.23
C HIS B 157 -18.19 -2.30 19.69
N ALA B 158 -17.06 -2.07 20.36
CA ALA B 158 -16.21 -3.13 20.89
C ALA B 158 -16.66 -3.68 22.26
N ASN B 159 -16.12 -4.85 22.61
CA ASN B 159 -16.44 -5.43 23.91
C ASN B 159 -15.47 -4.87 24.94
N THR B 160 -15.49 -5.46 26.16
CA THR B 160 -14.62 -4.99 27.25
C THR B 160 -13.15 -5.24 26.95
N LYS B 161 -12.89 -6.06 25.95
CA LYS B 161 -11.51 -6.35 25.55
C LYS B 161 -11.05 -5.44 24.41
N GLY B 162 -11.97 -4.58 23.96
CA GLY B 162 -11.70 -3.64 22.87
C GLY B 162 -11.69 -4.30 21.50
N PHE B 163 -12.38 -5.45 21.39
CA PHE B 163 -12.45 -6.18 20.11
C PHE B 163 -13.83 -6.10 19.52
N TYR B 164 -13.89 -6.00 18.18
CA TYR B 164 -15.16 -5.95 17.47
C TYR B 164 -15.47 -7.33 16.92
N SER B 165 -16.74 -7.71 16.94
CA SER B 165 -17.11 -8.98 16.37
C SER B 165 -16.76 -8.91 14.87
N HIS B 166 -16.31 -10.04 14.33
CA HIS B 166 -15.91 -10.19 12.93
C HIS B 166 -14.46 -9.78 12.75
N PHE B 167 -13.89 -9.13 13.77
CA PHE B 167 -12.50 -8.67 13.73
C PHE B 167 -11.88 -9.00 15.08
N ASP B 168 -12.44 -10.02 15.73
CA ASP B 168 -11.98 -10.43 17.06
C ASP B 168 -10.91 -11.51 16.89
N PRO B 169 -9.65 -11.17 17.18
CA PRO B 169 -8.57 -12.16 17.05
C PRO B 169 -8.79 -13.42 17.89
N THR B 170 -9.42 -13.27 19.05
CA THR B 170 -9.67 -14.40 19.94
C THR B 170 -10.72 -15.34 19.39
N GLY B 171 -11.49 -14.87 18.42
CA GLY B 171 -12.53 -15.69 17.81
C GLY B 171 -13.67 -16.07 18.73
N GLU B 172 -13.81 -15.35 19.85
CA GLU B 172 -14.82 -15.62 20.87
C GLU B 172 -16.22 -15.36 20.34
N GLN B 173 -16.49 -14.13 19.93
CA GLN B 173 -17.78 -13.63 19.51
C GLN B 173 -18.50 -14.25 18.32
N GLN B 174 -19.80 -14.41 18.49
CA GLN B 174 -20.68 -14.93 17.46
C GLN B 174 -20.94 -13.75 16.53
N ALA B 175 -21.40 -14.06 15.33
CA ALA B 175 -21.67 -13.04 14.32
C ALA B 175 -22.53 -11.91 14.85
N PHE B 176 -22.20 -10.70 14.44
CA PHE B 176 -22.94 -9.52 14.85
C PHE B 176 -23.09 -9.20 16.32
N ASN B 177 -22.26 -9.81 17.16
CA ASN B 177 -22.35 -9.50 18.57
C ASN B 177 -22.03 -8.02 18.73
N MET B 178 -22.87 -7.31 19.49
CA MET B 178 -22.76 -5.87 19.74
C MET B 178 -22.91 -5.03 18.46
N ARG B 179 -23.74 -5.54 17.55
CA ARG B 179 -24.03 -4.86 16.30
C ARG B 179 -25.52 -5.07 16.09
N ARG B 180 -26.26 -3.98 16.01
CA ARG B 180 -27.69 -4.08 15.77
C ARG B 180 -28.21 -2.89 14.98
N SER B 181 -29.33 -3.11 14.28
CA SER B 181 -30.06 -2.03 13.61
C SER B 181 -31.37 -1.92 14.41
N ILE B 182 -31.76 -0.70 14.77
CA ILE B 182 -32.99 -0.48 15.50
C ILE B 182 -33.80 0.54 14.73
N ILE B 183 -35.04 0.19 14.43
CA ILE B 183 -35.95 1.08 13.73
C ILE B 183 -36.61 1.85 14.86
N THR B 184 -36.60 3.18 14.78
CA THR B 184 -37.18 3.99 15.85
C THR B 184 -38.69 3.76 15.96
N ASP B 185 -39.22 3.72 17.20
CA ASP B 185 -40.64 3.49 17.42
C ASP B 185 -41.51 4.70 17.12
N GLU B 186 -42.81 4.59 17.44
CA GLU B 186 -43.77 5.65 17.17
C GLU B 186 -43.36 6.97 17.80
N ASN B 187 -42.54 6.93 18.85
CA ASN B 187 -42.13 8.16 19.49
C ASN B 187 -40.75 8.57 19.02
N GLY B 188 -40.29 8.03 17.90
CA GLY B 188 -38.99 8.37 17.35
C GLY B 188 -37.83 7.96 18.26
N GLN B 189 -38.03 6.94 19.09
CA GLN B 189 -36.99 6.49 20.02
C GLN B 189 -36.36 5.16 19.71
N TYR B 190 -35.15 4.99 20.20
CA TYR B 190 -34.39 3.74 20.02
C TYR B 190 -33.86 3.49 21.43
N ARG B 191 -33.74 2.23 21.81
CA ARG B 191 -33.24 1.89 23.13
C ARG B 191 -32.54 0.56 23.03
N VAL B 192 -31.34 0.48 23.60
CA VAL B 192 -30.63 -0.76 23.54
C VAL B 192 -29.98 -1.14 24.84
N ARG B 193 -29.90 -2.43 25.07
CA ARG B 193 -29.20 -2.90 26.23
C ARG B 193 -27.93 -3.51 25.65
N THR B 194 -26.80 -3.10 26.20
CA THR B 194 -25.53 -3.61 25.73
C THR B 194 -24.57 -3.51 26.91
N ILE B 195 -23.27 -3.46 26.64
CA ILE B 195 -22.28 -3.32 27.70
C ILE B 195 -21.36 -2.14 27.36
N LEU B 196 -20.77 -1.53 28.38
CA LEU B 196 -19.86 -0.42 28.17
C LEU B 196 -18.66 -0.90 27.38
N PRO B 197 -18.45 -0.34 26.18
CA PRO B 197 -17.29 -0.78 25.41
C PRO B 197 -16.00 -0.30 26.08
N ALA B 198 -14.90 -0.94 25.72
CA ALA B 198 -13.59 -0.58 26.21
C ALA B 198 -12.88 0.09 25.03
N GLY B 199 -11.87 0.91 25.30
CA GLY B 199 -11.13 1.59 24.25
C GLY B 199 -10.48 0.62 23.27
N TYR B 200 -10.39 1.03 22.01
CA TYR B 200 -9.81 0.21 20.97
C TYR B 200 -8.34 0.51 20.86
N GLY B 201 -7.53 -0.49 20.52
CA GLY B 201 -6.10 -0.27 20.37
C GLY B 201 -5.64 -0.98 19.11
N CYS B 202 -4.78 -0.37 18.31
CA CYS B 202 -4.29 -1.01 17.09
C CYS B 202 -3.50 -2.25 17.50
N PRO B 203 -3.49 -3.27 16.63
CA PRO B 203 -2.73 -4.49 16.93
C PRO B 203 -1.30 -4.04 17.17
N PRO B 204 -0.76 -4.26 18.37
CA PRO B 204 0.61 -3.84 18.69
C PRO B 204 1.67 -4.33 17.72
N GLU B 205 1.47 -5.51 17.15
CA GLU B 205 2.45 -6.07 16.22
C GLU B 205 2.19 -5.67 14.78
N GLY B 206 1.04 -5.05 14.52
CA GLY B 206 0.66 -4.66 13.17
C GLY B 206 1.42 -3.49 12.54
N PRO B 207 1.41 -3.41 11.21
CA PRO B 207 2.12 -2.33 10.52
C PRO B 207 1.67 -0.91 10.89
N THR B 208 0.41 -0.73 11.27
CA THR B 208 -0.06 0.61 11.62
C THR B 208 0.67 1.11 12.89
N GLN B 209 0.66 0.26 13.91
CA GLN B 209 1.30 0.62 15.16
C GLN B 209 2.81 0.75 14.97
N GLN B 210 3.42 -0.11 14.17
CA GLN B 210 4.85 0.01 14.00
C GLN B 210 5.20 1.38 13.41
N LEU B 211 4.42 1.85 12.45
CA LEU B 211 4.68 3.15 11.86
C LEU B 211 4.37 4.22 12.94
N LEU B 212 3.26 4.07 13.64
CA LEU B 212 2.94 5.06 14.67
C LEU B 212 4.08 5.15 15.68
N ASN B 213 4.73 4.03 15.99
CA ASN B 213 5.84 4.11 16.94
C ASN B 213 6.96 5.00 16.41
N GLN B 214 7.22 4.93 15.10
CA GLN B 214 8.23 5.75 14.46
C GLN B 214 7.86 7.23 14.51
N LEU B 215 6.60 7.55 14.79
CA LEU B 215 6.17 8.95 14.84
C LEU B 215 6.06 9.41 16.28
N GLY B 216 6.41 8.48 17.17
CA GLY B 216 6.35 8.74 18.59
C GLY B 216 4.92 8.86 19.04
N ARG B 217 4.02 8.10 18.42
CA ARG B 217 2.60 8.16 18.71
C ARG B 217 1.99 6.85 19.17
N HIS B 218 0.90 6.92 19.94
CA HIS B 218 0.22 5.70 20.36
C HIS B 218 -0.91 5.39 19.38
N GLY B 219 -1.50 4.20 19.50
CA GLY B 219 -2.58 3.82 18.60
C GLY B 219 -3.84 3.47 19.36
N ASN B 220 -4.22 4.28 20.33
CA ASN B 220 -5.40 4.00 21.11
C ASN B 220 -6.54 4.94 20.82
N ARG B 221 -7.77 4.43 21.01
CA ARG B 221 -8.96 5.25 20.85
C ARG B 221 -9.71 5.17 22.16
N PRO B 222 -10.41 6.25 22.54
CA PRO B 222 -11.18 6.18 23.80
C PRO B 222 -12.35 5.22 23.55
N ALA B 223 -13.01 4.80 24.63
CA ALA B 223 -14.20 3.93 24.47
C ALA B 223 -15.24 4.75 23.70
N HIS B 224 -15.82 4.13 22.67
CA HIS B 224 -16.79 4.84 21.85
C HIS B 224 -17.80 3.91 21.26
N ILE B 225 -18.87 4.51 20.72
CA ILE B 225 -19.94 3.76 20.10
C ILE B 225 -20.24 4.38 18.76
N HIS B 226 -20.23 3.57 17.70
CA HIS B 226 -20.50 4.01 16.34
C HIS B 226 -22.00 4.05 16.03
N TYR B 227 -22.36 5.03 15.20
CA TYR B 227 -23.74 5.18 14.72
C TYR B 227 -23.83 5.43 13.22
N PHE B 228 -24.87 4.87 12.61
CA PHE B 228 -25.28 5.15 11.22
C PHE B 228 -26.75 5.44 11.50
N VAL B 229 -27.27 6.56 11.01
CA VAL B 229 -28.69 6.80 11.17
C VAL B 229 -29.16 7.24 9.80
N SER B 230 -30.14 6.52 9.28
CA SER B 230 -30.67 6.87 7.97
C SER B 230 -32.19 6.91 8.01
N ALA B 231 -32.78 7.76 7.19
CA ALA B 231 -34.23 7.89 7.15
C ALA B 231 -34.61 8.50 5.84
N ASP B 232 -35.80 8.16 5.36
CA ASP B 232 -36.30 8.73 4.11
C ASP B 232 -36.27 10.22 4.17
N GLY B 233 -35.92 10.85 3.06
CA GLY B 233 -35.90 12.29 3.00
C GLY B 233 -34.74 12.95 3.70
N HIS B 234 -33.91 12.15 4.39
CA HIS B 234 -32.75 12.69 5.08
C HIS B 234 -31.42 12.10 4.62
N ARG B 235 -30.34 12.80 4.94
CA ARG B 235 -29.01 12.32 4.57
C ARG B 235 -28.62 11.32 5.66
N LYS B 236 -27.83 10.33 5.28
CA LYS B 236 -27.36 9.33 6.21
C LYS B 236 -26.29 9.95 7.11
N LEU B 237 -26.52 9.87 8.42
CA LEU B 237 -25.62 10.41 9.41
C LEU B 237 -24.59 9.37 9.89
N THR B 238 -23.32 9.75 9.83
CA THR B 238 -22.25 8.87 10.33
C THR B 238 -21.65 9.57 11.52
N THR B 239 -21.75 8.97 12.69
CA THR B 239 -21.14 9.64 13.81
C THR B 239 -20.77 8.61 14.88
N GLN B 240 -20.31 9.09 16.03
CA GLN B 240 -20.00 8.24 17.16
C GLN B 240 -20.01 9.04 18.44
N ILE B 241 -20.22 8.35 19.57
CA ILE B 241 -20.14 9.06 20.83
C ILE B 241 -18.98 8.48 21.62
N ASN B 242 -18.35 9.35 22.41
CA ASN B 242 -17.20 9.01 23.25
C ASN B 242 -17.69 8.93 24.68
N VAL B 243 -17.19 7.96 25.43
CA VAL B 243 -17.59 7.83 26.82
C VAL B 243 -16.80 8.88 27.61
N ALA B 244 -17.51 9.87 28.15
CA ALA B 244 -16.89 10.96 28.91
C ALA B 244 -15.99 10.41 30.00
N GLY B 245 -14.82 11.02 30.19
CA GLY B 245 -13.91 10.57 31.22
C GLY B 245 -12.78 9.68 30.76
N ASP B 246 -12.97 9.08 29.60
CA ASP B 246 -11.94 8.21 29.08
C ASP B 246 -10.65 9.02 28.89
N PRO B 247 -9.51 8.44 29.28
CA PRO B 247 -8.22 9.11 29.16
C PRO B 247 -7.87 9.53 27.73
N TYR B 248 -8.37 8.81 26.74
CA TYR B 248 -8.03 9.16 25.36
C TYR B 248 -9.05 10.01 24.62
N THR B 249 -10.03 10.53 25.34
CA THR B 249 -11.05 11.36 24.74
C THR B 249 -10.46 12.48 23.90
N TYR B 250 -9.48 13.19 24.44
CA TYR B 250 -8.84 14.27 23.72
C TYR B 250 -7.44 13.92 23.29
N ASP B 251 -7.21 12.65 23.01
CA ASP B 251 -5.92 12.17 22.57
C ASP B 251 -6.17 10.85 21.85
N ASP B 252 -7.11 10.89 20.90
CA ASP B 252 -7.51 9.73 20.08
C ASP B 252 -6.58 9.65 18.91
N PHE B 253 -6.06 8.47 18.59
CA PHE B 253 -5.09 8.38 17.48
C PHE B 253 -5.76 8.58 16.12
N ALA B 254 -7.09 8.45 16.10
CA ALA B 254 -7.84 8.62 14.85
C ALA B 254 -8.49 9.99 14.76
N TYR B 255 -8.18 10.86 15.73
CA TYR B 255 -8.71 12.24 15.75
C TYR B 255 -10.19 12.34 15.40
N ALA B 256 -11.01 11.47 16.00
CA ALA B 256 -12.43 11.42 15.72
C ALA B 256 -13.29 12.16 16.77
N THR B 257 -12.71 12.49 17.91
CA THR B 257 -13.46 13.20 18.94
C THR B 257 -13.90 14.61 18.53
N ARG B 258 -15.12 15.01 18.89
CA ARG B 258 -15.66 16.35 18.58
C ARG B 258 -16.59 16.81 19.68
N GLU B 259 -16.72 18.13 19.85
CA GLU B 259 -17.63 18.65 20.87
C GLU B 259 -19.05 18.22 20.51
N GLY B 260 -19.81 17.79 21.50
CA GLY B 260 -21.17 17.38 21.24
C GLY B 260 -21.26 15.87 21.17
N LEU B 261 -20.13 15.20 21.03
CA LEU B 261 -20.16 13.74 20.91
C LEU B 261 -19.62 13.06 22.15
N VAL B 262 -19.22 13.82 23.16
CA VAL B 262 -18.72 13.23 24.38
C VAL B 262 -19.94 13.06 25.28
N VAL B 263 -20.22 11.82 25.68
CA VAL B 263 -21.41 11.54 26.50
C VAL B 263 -21.10 10.90 27.85
N ASP B 264 -21.76 11.40 28.89
CA ASP B 264 -21.61 10.88 30.24
C ASP B 264 -22.40 9.60 30.45
N ALA B 265 -21.74 8.61 31.02
CA ALA B 265 -22.37 7.33 31.32
C ALA B 265 -22.77 7.39 32.79
N VAL B 266 -24.06 7.64 33.05
CA VAL B 266 -24.60 7.71 34.40
C VAL B 266 -24.72 6.36 35.09
N GLU B 267 -24.07 6.21 36.23
CA GLU B 267 -24.13 4.97 36.96
C GLU B 267 -25.36 4.96 37.89
N HIS B 268 -26.18 3.92 37.77
CA HIS B 268 -27.38 3.77 38.59
C HIS B 268 -27.20 2.58 39.53
N THR B 269 -27.47 2.81 40.81
CA THR B 269 -27.28 1.76 41.80
C THR B 269 -28.48 1.47 42.71
N ASP B 270 -29.48 2.33 42.72
CA ASP B 270 -30.62 2.08 43.57
C ASP B 270 -31.53 1.08 42.89
N PRO B 271 -32.19 0.22 43.68
CA PRO B 271 -33.10 -0.81 43.16
C PRO B 271 -34.28 -0.25 42.39
N GLU B 272 -34.62 0.99 42.67
CA GLU B 272 -35.75 1.62 41.98
C GLU B 272 -35.47 1.82 40.50
N ALA B 273 -34.22 2.11 40.16
CA ALA B 273 -33.84 2.32 38.77
C ALA B 273 -33.57 0.96 38.11
N ILE B 274 -32.97 0.04 38.86
CA ILE B 274 -32.68 -1.26 38.31
C ILE B 274 -33.98 -1.94 37.83
N LYS B 275 -35.05 -1.80 38.61
CA LYS B 275 -36.33 -2.42 38.23
C LYS B 275 -37.01 -1.72 37.07
N ALA B 276 -37.02 -0.39 37.11
CA ALA B 276 -37.65 0.39 36.06
C ALA B 276 -37.00 0.11 34.71
N ASN B 277 -35.78 -0.42 34.72
CA ASN B 277 -35.07 -0.73 33.48
C ASN B 277 -34.92 -2.20 33.18
N ASP B 278 -35.56 -3.06 33.95
CA ASP B 278 -35.47 -4.51 33.70
C ASP B 278 -34.05 -5.07 33.80
N VAL B 279 -33.25 -4.61 34.74
CA VAL B 279 -31.88 -5.14 34.80
C VAL B 279 -31.63 -6.01 36.04
N GLU B 280 -30.54 -6.76 36.02
CA GLU B 280 -30.19 -7.65 37.12
C GLU B 280 -29.46 -6.94 38.24
N GLY B 281 -28.87 -5.80 37.95
CA GLY B 281 -28.15 -5.07 38.99
C GLY B 281 -27.76 -3.66 38.56
N PRO B 282 -26.70 -3.10 39.17
CA PRO B 282 -26.24 -1.75 38.84
C PRO B 282 -25.88 -1.73 37.36
N PHE B 283 -26.10 -0.59 36.74
CA PHE B 283 -25.82 -0.45 35.33
C PHE B 283 -25.49 1.00 35.00
N ALA B 284 -25.03 1.22 33.78
CA ALA B 284 -24.70 2.56 33.35
C ALA B 284 -25.77 2.98 32.35
N GLU B 285 -26.03 4.28 32.27
CA GLU B 285 -26.99 4.77 31.32
C GLU B 285 -26.38 5.93 30.53
N MET B 286 -26.62 5.92 29.22
CA MET B 286 -26.16 7.00 28.36
C MET B 286 -27.34 7.41 27.49
N VAL B 287 -27.58 8.71 27.37
CA VAL B 287 -28.66 9.20 26.52
C VAL B 287 -28.03 10.02 25.41
N PHE B 288 -28.44 9.79 24.17
CA PHE B 288 -27.89 10.55 23.04
C PHE B 288 -28.93 10.64 21.94
N ASP B 289 -29.33 11.87 21.66
CA ASP B 289 -30.31 12.15 20.63
C ASP B 289 -29.55 12.59 19.40
N LEU B 290 -30.11 12.34 18.23
CA LEU B 290 -29.41 12.72 17.01
C LEU B 290 -30.38 13.44 16.09
N LYS B 291 -29.92 14.53 15.50
CA LYS B 291 -30.73 15.29 14.57
C LYS B 291 -30.20 15.11 13.14
N LEU B 292 -31.08 14.70 12.24
CA LEU B 292 -30.71 14.47 10.85
C LEU B 292 -30.89 15.72 10.02
N THR B 293 -30.25 15.74 8.86
CA THR B 293 -30.35 16.84 7.92
C THR B 293 -31.09 16.31 6.70
N ARG B 294 -31.80 17.21 6.04
CA ARG B 294 -32.60 16.84 4.89
C ARG B 294 -31.72 16.68 3.65
N LEU B 295 -32.21 15.93 2.67
CA LEU B 295 -31.51 15.73 1.41
C LEU B 295 -31.37 17.09 0.72
N VAL B 296 -30.37 17.23 -0.16
CA VAL B 296 -30.15 18.47 -0.88
C VAL B 296 -30.71 18.22 -2.27
N ASP B 297 -31.90 18.73 -2.50
CA ASP B 297 -32.61 18.55 -3.76
C ASP B 297 -32.79 17.06 -4.05
N GLY B 298 -33.18 16.29 -3.05
CA GLY B 298 -33.41 14.87 -3.25
C GLY B 298 -32.14 14.06 -3.37
N VAL B 299 -31.00 14.68 -3.09
CA VAL B 299 -29.71 14.00 -3.17
C VAL B 299 -28.93 14.06 -1.85
N ASP B 300 -28.36 12.94 -1.42
CA ASP B 300 -27.52 12.90 -0.21
C ASP B 300 -26.12 13.16 -0.78
N ASN B 301 -25.66 14.41 -0.68
CA ASN B 301 -24.36 14.80 -1.21
C ASN B 301 -23.15 14.31 -0.39
N GLN B 302 -23.38 13.58 0.70
CA GLN B 302 -22.26 13.17 1.51
C GLN B 302 -22.19 11.70 1.90
N VAL B 303 -23.07 10.87 1.34
CA VAL B 303 -23.01 9.45 1.66
C VAL B 303 -21.70 8.99 1.05
N VAL B 304 -21.06 8.04 1.71
CA VAL B 304 -19.81 7.51 1.25
C VAL B 304 -20.01 6.05 0.91
N ASP B 305 -19.63 5.71 -0.31
CA ASP B 305 -19.72 4.34 -0.73
C ASP B 305 -18.30 3.83 -0.69
N ARG B 306 -18.00 2.99 0.29
CA ARG B 306 -16.67 2.41 0.43
C ARG B 306 -16.82 0.92 0.70
N PRO B 307 -15.76 0.12 0.43
CA PRO B 307 -15.84 -1.31 0.69
C PRO B 307 -16.13 -1.56 2.18
N ARG B 308 -17.18 -2.35 2.43
CA ARG B 308 -17.58 -2.70 3.79
C ARG B 308 -17.93 -4.19 3.82
N LEU B 309 -17.47 -4.88 4.86
CA LEU B 309 -17.73 -6.30 5.04
C LEU B 309 -19.23 -6.54 5.22
N ALA B 310 -19.77 -7.52 4.49
CA ALA B 310 -21.20 -7.88 4.60
C ALA B 310 -21.27 -9.39 4.81
N VAL B 311 -21.99 -9.81 5.83
CA VAL B 311 -22.11 -11.22 6.14
C VAL B 311 -23.58 -11.52 6.26
FE FE C . 13.20 -9.97 -14.77
C1 CAQ D . 9.91 -6.36 -13.02
C2 CAQ D . 11.23 -6.37 -13.54
C3 CAQ D . 11.74 -7.54 -14.11
O3 CAQ D . 13.02 -7.56 -14.62
C4 CAQ D . 10.95 -8.67 -14.20
O4 CAQ D . 11.46 -9.81 -14.77
C5 CAQ D . 9.67 -8.68 -13.70
C6 CAQ D . 9.13 -7.50 -13.09
C1 LIO E . -12.30 1.72 -10.58
C2 LIO E . -10.92 2.19 -10.27
C3 LIO E . -10.71 3.49 -9.83
C4 LIO E . -16.35 0.85 -11.02
C5 LIO E . -17.12 0.01 -12.05
C6 LIO E . -19.00 -0.43 -10.56
C7 LIO E . -19.22 -0.76 -12.94
C8 LIO E . -19.07 1.47 -12.07
C11 LIO E . -11.35 5.64 -8.80
C12 LIO E . -9.92 5.56 -8.27
C13 LIO E . -9.25 6.92 -8.10
C14 LIO E . -8.90 7.00 -6.62
C15 LIO E . -7.47 7.42 -6.34
C16 LIO E . -7.46 7.89 -4.88
C17 LIO E . -6.08 8.34 -4.39
C18 LIO E . -5.78 7.64 -3.06
C19 LIO E . -4.98 8.54 -2.12
C20 LIO E . -3.65 7.86 -1.74
C21 LIO E . -3.88 6.65 -0.83
C22 LIO E . -3.78 7.05 0.65
C23 LIO E . -3.23 5.89 1.47
C24 LIO E . -3.13 6.31 2.94
C25 LIO E . -3.34 5.08 3.82
C31 LIO E . -8.76 1.12 -9.02
C32 LIO E . -7.77 2.27 -9.30
C33 LIO E . -7.31 2.86 -7.99
C34 LIO E . -5.82 3.16 -8.09
C35 LIO E . -5.45 4.24 -7.09
C36 LIO E . -4.28 3.74 -6.28
C37 LIO E . -3.21 4.82 -6.22
C38 LIO E . -2.03 4.31 -5.40
C39 LIO E . -0.74 4.54 -6.19
C40 LIO E . 0.46 4.54 -5.24
N LIO E . -18.60 0.08 -11.90
O2 LIO E . -10.17 1.12 -9.48
O3 LIO E . -11.78 4.48 -9.64
O11 LIO E . -12.11 6.61 -8.53
O31 LIO E . -8.34 0.13 -8.38
O1P LIO E . -14.57 3.13 -12.11
O2P LIO E . -14.55 1.10 -13.51
O3P LIO E . -12.68 1.54 -11.98
O4P LIO E . -14.90 0.88 -11.07
P LIO E . -14.17 1.66 -12.17
FE FE F . -14.53 2.01 16.67
C1 LIO G . 13.12 1.45 9.60
C2 LIO G . 11.97 2.14 9.01
C3 LIO G . 12.14 3.05 7.98
C4 LIO G . 16.95 0.32 10.54
C5 LIO G . 17.66 -0.45 11.66
C6 LIO G . 19.55 -1.01 10.21
C7 LIO G . 19.75 -1.17 12.61
C8 LIO G . 19.64 0.99 11.58
C11 LIO G . 13.27 4.56 6.44
C12 LIO G . 11.84 4.87 6.02
C13 LIO G . 11.79 5.89 4.90
C14 LIO G . 10.52 5.65 4.14
C15 LIO G . 10.70 6.18 2.75
C16 LIO G . 9.35 6.13 2.07
C17 LIO G . 9.55 6.68 0.63
C18 LIO G . 8.23 7.01 -0.11
C19 LIO G . 7.19 5.87 -0.01
C20 LIO G . 7.25 5.01 -1.25
C21 LIO G . 5.90 4.91 -1.96
C22 LIO G . 5.91 3.62 -2.72
C23 LIO G . 4.82 3.48 -3.76
C24 LIO G . 5.03 2.11 -4.41
C25 LIO G . 3.81 1.84 -5.30
C31 LIO G . 9.33 1.67 8.43
C32 LIO G . 9.17 2.79 7.44
C33 LIO G . 7.75 2.93 7.01
C34 LIO G . 7.66 3.95 5.94
C35 LIO G . 6.29 4.44 5.78
C36 LIO G . 5.99 4.78 4.27
C37 LIO G . 4.60 5.45 4.39
C38 LIO G . 3.96 5.93 3.09
C39 LIO G . 2.41 5.51 3.27
C40 LIO G . 1.43 6.68 3.19
N LIO G . 19.14 -0.41 11.50
O2 LIO G . 10.67 1.38 9.10
O3 LIO G . 13.43 3.53 7.51
O11 LIO G . 14.24 5.15 5.93
O31 LIO G . 8.37 1.05 8.79
O1P LIO G . 15.33 2.85 10.80
O2P LIO G . 15.11 1.33 12.74
O3P LIO G . 13.34 1.40 11.02
O4P LIO G . 15.52 0.41 10.48
P LIO G . 14.83 1.50 11.26
C1 CAQ H . -10.48 3.57 13.70
C2 CAQ H . -11.76 4.03 14.13
C3 CAQ H . -12.52 3.26 15.00
O3 CAQ H . -13.75 3.71 15.42
C4 CAQ H . -12.05 2.05 15.45
O4 CAQ H . -12.81 1.29 16.31
C5 CAQ H . -10.81 1.57 15.04
C6 CAQ H . -10.02 2.36 14.14
#